data_4PAE
#
_entry.id   4PAE
#
_cell.length_a   107.673
_cell.length_b   107.673
_cell.length_c   204.788
_cell.angle_alpha   90.00
_cell.angle_beta   90.00
_cell.angle_gamma   90.00
#
_symmetry.space_group_name_H-M   'P 41 21 2'
#
loop_
_entity.id
_entity.type
_entity.pdbx_description
1 polymer Catalase-peroxidase
2 non-polymer 'HEME B/C'
3 non-polymer 'SODIUM ION'
4 non-polymer pyridine-4-carbohydrazide
5 water water
#
_entity_poly.entity_id   1
_entity_poly.type   'polypeptide(L)'
_entity_poly.pdbx_seq_one_letter_code
;MTATQGKCPVMHGGATTVNISTAEWWPKALNLDILSQHDRKTNPMGPDFNYQEEVKKLDVAALKQDLQALMTDSQDWFPA
DWGHYGGLMIRLTWHAAGTYRIADGRGGAGTGNQRFAPLNSWPDNTNLDKARRLLWPIKQKYGNKLSWADLIAYAGTIAY
ESMGLKTFGFAFGREDIWHPEKDIYWGPEKEWVPPSTNPNSRYTGDRELENPLAAVTMGLIYVNPEGVDGNPDPLKTAHD
VRVTFARMAMNDEETVALTAGGHTVGKCHGNGNAALLGPEPEGADVEDQGLGWINKTQSGIGRNAVTSGLEGAWTPHPTQ
WDNGYFRMLLNYDWELKKSPAGAWQWEPINPREEDLPVDVEDPSIRRNLVMTDADMAMKMDPEYRKISERFYQDPAYFAD
VFARAWFKLTHRDMGPKARYIGPDVPQEDLIWQDPIPAGNRNYDVQAVKDRIAASGLSISELVSTAWDSARTYRNSDKRG
GANGARIRLAPQKDWEGNEPDRLAKVLAVLEGIAAATGASVADVIVLAGNVGVEQAARAAGVEIVLPFAPGRGDATAEQT
DTESFAVLEPIHDGYRNWLKQDYAATPEELLLDRTQLLGLTAPEMTVLIGGLRVLGTNHGGTKHGVFTDREGVLTNDFFV
NLTDMNYLWKPAGKNLYEICDRKTNQVKWTATRVDLVFGSNSILRAYSELYAQDDNKEKFVRDFVAAWTKVMNADRFDLD
;
_entity_poly.pdbx_strand_id   A
#
loop_
_chem_comp.id
_chem_comp.type
_chem_comp.name
_chem_comp.formula
HEB non-polymer 'HEME B/C' 'C34 H34 Fe N4 O4'
NA non-polymer 'SODIUM ION' 'Na 1'
NIZ non-polymer pyridine-4-carbohydrazide 'C6 H7 N3 O'
#
# COMPACT_ATOMS: atom_id res chain seq x y z
N HIS A 12 32.24 -22.27 11.59
CA HIS A 12 31.06 -22.61 10.71
C HIS A 12 31.14 -21.86 9.39
N GLY A 13 30.36 -22.29 8.38
CA GLY A 13 30.49 -21.75 7.02
C GLY A 13 29.24 -21.21 6.31
N GLY A 14 28.12 -21.11 7.04
CA GLY A 14 26.89 -20.58 6.46
C GLY A 14 26.93 -19.07 6.40
N ALA A 15 25.99 -18.46 5.67
CA ALA A 15 25.86 -17.02 5.67
C ALA A 15 24.71 -16.64 6.61
N THR A 16 24.99 -16.75 7.91
CA THR A 16 23.96 -16.70 8.96
C THR A 16 23.57 -15.31 9.54
N THR A 17 24.29 -14.26 9.15
CA THR A 17 23.88 -12.89 9.46
C THR A 17 23.42 -12.25 8.16
N VAL A 18 22.62 -11.19 8.27
CA VAL A 18 21.88 -10.63 7.11
C VAL A 18 22.74 -9.90 6.08
N ASN A 19 23.81 -9.26 6.54
CA ASN A 19 24.67 -8.46 5.66
C ASN A 19 25.62 -9.25 4.75
N ILE A 20 25.78 -10.57 5.00
CA ILE A 20 26.59 -11.44 4.13
C ILE A 20 25.78 -11.79 2.86
N SER A 21 25.64 -10.82 1.95
CA SER A 21 24.83 -10.95 0.73
C SER A 21 25.67 -10.76 -0.56
N THR A 22 25.04 -11.03 -1.72
CA THR A 22 25.61 -10.70 -3.03
C THR A 22 25.42 -9.20 -3.34
N ALA A 23 24.58 -8.54 -2.53
CA ALA A 23 24.28 -7.09 -2.64
C ALA A 23 25.39 -6.16 -2.10
N GLU A 24 26.57 -6.71 -1.82
CA GLU A 24 27.72 -5.94 -1.38
C GLU A 24 28.63 -5.53 -2.56
N TRP A 25 28.70 -6.39 -3.57
CA TRP A 25 29.57 -6.18 -4.73
C TRP A 25 28.87 -5.46 -5.87
N TRP A 26 27.57 -5.70 -6.03
CA TRP A 26 26.78 -5.12 -7.10
C TRP A 26 25.51 -4.52 -6.51
N PRO A 27 25.61 -3.31 -5.88
CA PRO A 27 24.44 -2.77 -5.17
C PRO A 27 23.28 -2.36 -6.09
N LYS A 28 23.59 -2.07 -7.36
CA LYS A 28 22.59 -1.62 -8.32
C LYS A 28 21.72 -2.78 -8.83
N ALA A 29 22.31 -3.97 -8.89
CA ALA A 29 21.62 -5.17 -9.35
C ALA A 29 20.17 -5.39 -8.94
N LEU A 30 19.34 -5.70 -9.93
CA LEU A 30 17.91 -5.98 -9.72
C LEU A 30 17.46 -6.85 -8.58
N ASN A 31 16.51 -6.36 -7.80
CA ASN A 31 16.08 -7.08 -6.62
C ASN A 31 14.92 -8.00 -6.91
N LEU A 32 15.22 -9.12 -7.54
CA LEU A 32 14.18 -10.04 -7.94
C LEU A 32 13.56 -10.77 -6.76
N ASP A 33 14.22 -10.69 -5.61
CA ASP A 33 13.72 -11.31 -4.41
C ASP A 33 12.38 -10.79 -3.99
N ILE A 34 12.03 -9.60 -4.46
CA ILE A 34 10.76 -9.03 -4.05
C ILE A 34 9.56 -9.72 -4.72
N LEU A 35 9.83 -10.44 -5.82
CA LEU A 35 8.80 -11.16 -6.58
C LEU A 35 8.50 -12.52 -5.96
N SER A 36 9.49 -13.00 -5.23
CA SER A 36 9.41 -14.32 -4.68
C SER A 36 8.99 -14.28 -3.20
N GLN A 37 8.24 -13.26 -2.79
CA GLN A 37 7.83 -13.16 -1.37
C GLN A 37 6.62 -14.03 -0.97
N HIS A 38 6.46 -14.24 0.33
CA HIS A 38 5.29 -14.91 0.87
C HIS A 38 4.99 -16.28 0.26
N ASP A 39 6.03 -17.11 0.16
CA ASP A 39 5.96 -18.41 -0.51
C ASP A 39 5.71 -19.56 0.47
N ARG A 40 5.70 -20.79 -0.04
CA ARG A 40 5.37 -21.96 0.77
C ARG A 40 6.21 -22.12 2.02
N LYS A 41 7.51 -21.89 1.90
CA LYS A 41 8.46 -22.24 2.96
C LYS A 41 8.47 -21.29 4.16
N THR A 42 8.05 -20.04 3.93
CA THR A 42 7.96 -18.97 4.93
C THR A 42 6.62 -19.06 5.62
N ASN A 43 5.58 -19.28 4.82
CA ASN A 43 4.22 -19.58 5.29
C ASN A 43 4.11 -20.89 6.08
N PRO A 44 3.59 -20.81 7.31
CA PRO A 44 3.49 -21.99 8.15
C PRO A 44 2.14 -22.69 8.06
N MET A 45 1.11 -21.99 7.58
CA MET A 45 -0.23 -22.55 7.51
C MET A 45 -0.21 -23.77 6.57
N GLY A 46 -1.21 -24.64 6.69
CA GLY A 46 -1.42 -25.71 5.70
C GLY A 46 -1.69 -25.08 4.34
N PRO A 47 -1.88 -25.89 3.29
CA PRO A 47 -2.09 -25.26 1.97
C PRO A 47 -3.57 -25.15 1.56
N ASP A 48 -4.44 -25.83 2.31
CA ASP A 48 -5.87 -25.70 2.12
C ASP A 48 -6.40 -24.69 3.12
N PHE A 49 -5.51 -24.07 3.89
CA PHE A 49 -5.91 -22.98 4.77
C PHE A 49 -6.41 -21.83 3.93
N ASN A 50 -7.51 -21.24 4.39
CA ASN A 50 -7.99 -20.01 3.81
C ASN A 50 -8.69 -19.15 4.82
N TYR A 51 -8.18 -17.94 5.01
CA TYR A 51 -8.55 -17.13 6.15
C TYR A 51 -9.90 -16.55 5.87
N GLN A 52 -10.09 -16.06 4.66
CA GLN A 52 -11.35 -15.41 4.35
C GLN A 52 -12.51 -16.25 4.90
N GLU A 53 -12.52 -17.57 4.66
CA GLU A 53 -13.64 -18.42 5.12
C GLU A 53 -13.54 -18.76 6.61
N GLU A 54 -12.31 -18.80 7.10
CA GLU A 54 -12.05 -19.09 8.50
C GLU A 54 -12.47 -17.97 9.45
N VAL A 55 -12.33 -16.72 9.00
CA VAL A 55 -12.66 -15.57 9.86
C VAL A 55 -14.17 -15.48 10.11
N LYS A 56 -14.95 -15.93 9.11
CA LYS A 56 -16.41 -15.86 9.16
C LYS A 56 -16.96 -16.56 10.39
N LYS A 57 -16.26 -17.62 10.74
CA LYS A 57 -16.64 -18.48 11.82
C LYS A 57 -16.37 -17.87 13.20
N LEU A 58 -15.72 -16.72 13.21
CA LEU A 58 -15.31 -16.06 14.45
C LEU A 58 -16.45 -15.41 15.22
N ASP A 59 -16.43 -15.55 16.54
CA ASP A 59 -17.43 -14.89 17.39
C ASP A 59 -17.15 -13.42 17.65
N VAL A 60 -17.48 -12.57 16.67
CA VAL A 60 -17.10 -11.17 16.74
C VAL A 60 -17.63 -10.59 18.03
N ALA A 61 -18.85 -10.94 18.36
CA ALA A 61 -19.50 -10.55 19.60
C ALA A 61 -18.58 -10.75 20.83
N ALA A 62 -18.00 -11.94 20.94
CA ALA A 62 -17.16 -12.29 22.08
C ALA A 62 -15.83 -11.52 22.06
N LEU A 63 -15.32 -11.37 20.85
CA LEU A 63 -14.09 -10.65 20.62
C LEU A 63 -14.15 -9.24 21.22
N LYS A 64 -15.22 -8.50 20.95
CA LYS A 64 -15.39 -7.14 21.45
C LYS A 64 -15.68 -7.18 22.93
N GLN A 65 -16.29 -8.25 23.39
CA GLN A 65 -16.43 -8.38 24.81
C GLN A 65 -15.02 -8.27 25.42
N ASP A 66 -14.05 -8.94 24.81
CA ASP A 66 -12.72 -9.07 25.39
C ASP A 66 -11.81 -7.88 25.11
N LEU A 67 -11.95 -7.26 23.96
CA LEU A 67 -11.16 -6.06 23.71
C LEU A 67 -11.57 -5.00 24.72
N GLN A 68 -12.86 -4.69 24.80
CA GLN A 68 -13.39 -3.82 25.89
C GLN A 68 -12.79 -4.22 27.27
N ALA A 69 -12.84 -5.50 27.56
CA ALA A 69 -12.29 -6.05 28.79
C ALA A 69 -10.88 -5.55 29.05
N LEU A 70 -10.03 -5.80 28.06
CA LEU A 70 -8.60 -5.52 28.10
C LEU A 70 -8.28 -4.04 28.28
N MET A 71 -8.96 -3.19 27.54
CA MET A 71 -8.72 -1.76 27.58
C MET A 71 -8.55 -1.22 29.00
N THR A 72 -9.12 -1.91 29.99
CA THR A 72 -9.01 -1.46 31.38
C THR A 72 -8.45 -2.54 32.31
N ASP A 73 -7.85 -3.58 31.72
CA ASP A 73 -7.09 -4.57 32.49
C ASP A 73 -5.60 -4.26 32.47
N SER A 74 -5.21 -3.33 33.33
CA SER A 74 -3.84 -2.87 33.37
C SER A 74 -2.97 -4.05 33.80
N GLN A 75 -1.93 -4.33 33.02
CA GLN A 75 -0.95 -5.37 33.32
C GLN A 75 0.20 -4.76 34.05
N ASP A 76 0.60 -5.46 35.11
CA ASP A 76 1.74 -5.08 35.96
C ASP A 76 3.05 -4.84 35.19
N TRP A 77 3.35 -5.64 34.17
CA TRP A 77 4.55 -5.41 33.34
C TRP A 77 4.51 -4.18 32.41
N PHE A 78 3.34 -3.59 32.17
CA PHE A 78 3.26 -2.30 31.45
C PHE A 78 1.94 -1.58 31.71
N PRO A 79 1.82 -1.01 32.91
CA PRO A 79 0.70 -0.28 33.49
C PRO A 79 -0.04 0.70 32.58
N ALA A 80 -1.34 0.46 32.41
CA ALA A 80 -2.14 1.32 31.56
C ALA A 80 -2.25 2.65 32.23
N ASP A 81 -2.01 3.73 31.49
CA ASP A 81 -2.31 5.10 31.93
C ASP A 81 -3.71 5.11 32.51
N TRP A 82 -3.84 5.50 33.79
CA TRP A 82 -5.14 5.60 34.46
C TRP A 82 -5.98 4.29 34.48
N GLY A 83 -5.36 3.14 34.33
CA GLY A 83 -6.12 1.91 34.18
C GLY A 83 -6.81 1.84 32.83
N HIS A 84 -6.38 2.68 31.89
CA HIS A 84 -6.94 2.68 30.54
C HIS A 84 -5.91 2.72 29.40
N TYR A 85 -5.68 1.54 28.80
CA TYR A 85 -4.89 1.34 27.57
C TYR A 85 -5.49 1.95 26.31
N GLY A 86 -6.68 2.52 26.42
CA GLY A 86 -7.38 3.06 25.28
C GLY A 86 -6.49 3.90 24.40
N GLY A 87 -5.75 4.80 25.05
CA GLY A 87 -4.91 5.75 24.33
C GLY A 87 -3.88 5.03 23.49
N LEU A 88 -3.12 4.18 24.14
CA LEU A 88 -2.10 3.41 23.49
C LEU A 88 -2.65 2.61 22.30
N MET A 89 -3.82 2.01 22.50
CA MET A 89 -4.36 1.08 21.51
C MET A 89 -4.78 1.75 20.21
N ILE A 90 -5.38 2.93 20.35
CA ILE A 90 -5.61 3.82 19.21
C ILE A 90 -4.32 4.17 18.44
N ARG A 91 -3.27 4.50 19.20
CA ARG A 91 -2.06 4.96 18.59
C ARG A 91 -1.46 3.86 17.74
N LEU A 92 -1.39 2.67 18.34
CA LEU A 92 -1.11 1.45 17.61
C LEU A 92 -1.81 1.42 16.25
N THR A 93 -3.15 1.51 16.27
CA THR A 93 -3.92 1.37 15.03
C THR A 93 -3.68 2.53 14.08
N TRP A 94 -3.58 3.74 14.62
CA TRP A 94 -3.16 4.92 13.86
C TRP A 94 -1.84 4.63 13.15
N HIS A 95 -0.83 4.26 13.92
CA HIS A 95 0.51 4.06 13.38
C HIS A 95 0.57 2.84 12.50
N ALA A 96 -0.32 1.89 12.75
CA ALA A 96 -0.41 0.71 11.89
C ALA A 96 -0.83 1.12 10.48
N ALA A 97 -1.82 2.02 10.44
CA ALA A 97 -2.38 2.56 9.20
C ALA A 97 -1.57 3.70 8.63
N GLY A 98 -0.89 4.43 9.51
CA GLY A 98 -0.09 5.56 9.07
C GLY A 98 0.84 5.35 7.87
N THR A 99 1.28 4.12 7.64
CA THR A 99 2.35 3.86 6.69
C THR A 99 1.90 3.99 5.22
N TYR A 100 0.59 3.85 5.00
CA TYR A 100 -0.06 3.90 3.66
C TYR A 100 0.26 5.14 2.88
N ARG A 101 0.55 4.97 1.59
CA ARG A 101 0.75 6.08 0.68
C ARG A 101 0.09 5.78 -0.66
N ILE A 102 -0.46 6.83 -1.27
CA ILE A 102 -1.34 6.63 -2.41
C ILE A 102 -0.58 6.41 -3.68
N ALA A 103 0.67 6.84 -3.70
CA ALA A 103 1.43 6.77 -4.94
C ALA A 103 1.45 5.34 -5.46
N ASP A 104 1.89 4.43 -4.58
CA ASP A 104 2.03 3.01 -4.89
C ASP A 104 1.08 2.11 -4.11
N GLY A 105 0.31 2.68 -3.16
CA GLY A 105 -0.59 1.90 -2.31
C GLY A 105 0.11 1.09 -1.23
N ARG A 106 1.43 1.11 -1.22
CA ARG A 106 2.17 0.31 -0.25
C ARG A 106 1.95 0.89 1.13
N GLY A 107 2.26 0.09 2.14
CA GLY A 107 1.99 0.48 3.51
C GLY A 107 0.51 0.43 3.86
N GLY A 108 0.24 0.33 5.15
CA GLY A 108 -1.12 0.35 5.66
C GLY A 108 -1.33 -0.69 6.73
N ALA A 109 -2.54 -0.72 7.26
CA ALA A 109 -2.85 -1.62 8.38
C ALA A 109 -3.03 -3.02 7.88
N GLY A 110 -3.12 -3.09 6.55
CA GLY A 110 -3.65 -4.22 5.82
C GLY A 110 -2.93 -5.53 5.94
N THR A 111 -1.70 -5.53 6.44
CA THR A 111 -0.91 -6.78 6.46
C THR A 111 -0.37 -7.22 7.83
N GLY A 112 -0.41 -6.34 8.82
CA GLY A 112 0.19 -6.63 10.11
C GLY A 112 1.71 -6.55 10.02
N ASN A 113 2.19 -5.87 8.97
CA ASN A 113 3.60 -5.43 8.74
C ASN A 113 4.35 -4.80 9.92
N GLN A 114 3.59 -4.31 10.89
CA GLN A 114 4.11 -3.62 12.05
C GLN A 114 4.75 -4.53 13.11
N ARG A 115 4.46 -5.82 13.07
CA ARG A 115 5.05 -6.75 14.03
C ARG A 115 6.37 -7.32 13.51
N PHE A 116 6.75 -6.98 12.27
CA PHE A 116 8.07 -7.31 11.75
C PHE A 116 8.82 -6.04 11.53
N ALA A 117 10.13 -6.19 11.52
CA ALA A 117 11.04 -5.15 11.09
C ALA A 117 10.64 -4.70 9.68
N PRO A 118 11.04 -3.48 9.29
CA PRO A 118 11.67 -2.45 10.10
C PRO A 118 10.71 -1.72 11.05
N LEU A 119 9.42 -1.77 10.73
CA LEU A 119 8.42 -0.93 11.37
C LEU A 119 8.32 -1.20 12.81
N ASN A 120 8.64 -2.41 13.23
CA ASN A 120 8.48 -2.75 14.65
C ASN A 120 9.44 -1.94 15.55
N SER A 121 10.43 -1.32 14.91
CA SER A 121 11.50 -0.63 15.57
C SER A 121 11.65 0.83 15.13
N TRP A 122 10.71 1.37 14.40
CA TRP A 122 10.77 2.78 14.07
C TRP A 122 10.67 3.56 15.34
N PRO A 123 11.36 4.70 15.41
CA PRO A 123 11.25 5.59 16.55
C PRO A 123 9.81 5.92 16.84
N ASP A 124 9.09 6.40 15.81
CA ASP A 124 7.70 6.70 15.98
C ASP A 124 6.89 5.55 16.56
N ASN A 125 7.21 4.29 16.23
CA ASN A 125 6.45 3.11 16.75
C ASN A 125 6.91 2.65 18.13
N THR A 126 7.51 3.57 18.86
CA THR A 126 8.11 3.30 20.16
C THR A 126 7.03 2.87 21.12
N ASN A 127 7.27 1.78 21.83
CA ASN A 127 6.29 1.21 22.76
C ASN A 127 5.02 0.56 22.18
N LEU A 128 4.81 0.68 20.88
CA LEU A 128 3.78 -0.11 20.23
C LEU A 128 4.11 -1.59 20.31
N ASP A 129 5.38 -1.90 20.49
CA ASP A 129 5.74 -3.27 20.80
C ASP A 129 4.96 -3.81 22.01
N LYS A 130 4.66 -2.93 22.97
CA LYS A 130 4.01 -3.36 24.21
C LYS A 130 2.55 -3.60 23.89
N ALA A 131 1.93 -2.60 23.25
CA ALA A 131 0.56 -2.73 22.76
C ALA A 131 0.31 -4.09 22.08
N ARG A 132 1.11 -4.41 21.05
CA ARG A 132 0.97 -5.68 20.33
C ARG A 132 0.98 -6.86 21.31
N ARG A 133 1.86 -6.82 22.29
CA ARG A 133 2.04 -7.95 23.19
C ARG A 133 0.82 -8.00 24.12
N LEU A 134 0.31 -6.83 24.48
CA LEU A 134 -0.85 -6.76 25.38
C LEU A 134 -2.04 -7.48 24.77
N LEU A 135 -2.10 -7.41 23.44
CA LEU A 135 -3.13 -8.10 22.64
C LEU A 135 -2.92 -9.59 22.49
N TRP A 136 -1.67 -10.05 22.61
CA TRP A 136 -1.35 -11.46 22.37
C TRP A 136 -2.39 -12.46 22.90
N PRO A 137 -2.68 -12.41 24.21
CA PRO A 137 -3.54 -13.41 24.81
C PRO A 137 -4.90 -13.51 24.13
N ILE A 138 -5.42 -12.42 23.60
CA ILE A 138 -6.64 -12.49 22.77
C ILE A 138 -6.41 -13.23 21.45
N LYS A 139 -5.32 -12.94 20.75
CA LYS A 139 -5.01 -13.58 19.51
C LYS A 139 -4.74 -15.05 19.75
N GLN A 140 -4.31 -15.36 20.95
CA GLN A 140 -4.12 -16.74 21.32
C GLN A 140 -5.44 -17.43 21.48
N LYS A 141 -6.36 -16.75 22.15
CA LYS A 141 -7.66 -17.30 22.47
C LYS A 141 -8.47 -17.59 21.23
N TYR A 142 -8.41 -16.68 20.27
CA TYR A 142 -9.19 -16.83 19.06
C TYR A 142 -8.47 -17.58 17.94
N GLY A 143 -7.14 -17.66 18.03
CA GLY A 143 -6.34 -18.43 17.07
C GLY A 143 -6.57 -18.08 15.60
N ASN A 144 -6.50 -19.09 14.72
CA ASN A 144 -6.53 -18.88 13.25
C ASN A 144 -7.75 -18.15 12.68
N LYS A 145 -8.72 -17.73 13.49
CA LYS A 145 -9.91 -17.00 12.99
C LYS A 145 -9.75 -15.49 13.11
N LEU A 146 -8.59 -15.06 13.61
CA LEU A 146 -8.32 -13.66 13.90
C LEU A 146 -6.87 -13.46 13.65
N SER A 147 -6.56 -12.91 12.47
CA SER A 147 -5.17 -12.59 12.08
C SER A 147 -4.69 -11.50 12.98
N TRP A 148 -3.39 -11.29 13.05
CA TRP A 148 -2.92 -10.09 13.75
C TRP A 148 -3.34 -8.82 13.00
N ALA A 149 -3.20 -8.83 11.68
CA ALA A 149 -3.51 -7.62 10.91
C ALA A 149 -4.87 -7.05 11.27
N ASP A 150 -5.83 -7.95 11.52
CA ASP A 150 -7.19 -7.55 11.85
C ASP A 150 -7.26 -7.13 13.29
N LEU A 151 -6.75 -7.97 14.15
CA LEU A 151 -6.76 -7.67 15.56
C LEU A 151 -6.22 -6.22 15.83
N ILE A 152 -5.07 -5.93 15.26
CA ILE A 152 -4.45 -4.60 15.34
C ILE A 152 -5.38 -3.51 14.81
N ALA A 153 -5.97 -3.74 13.64
CA ALA A 153 -6.93 -2.78 13.08
C ALA A 153 -8.22 -2.62 13.93
N TYR A 154 -8.59 -3.64 14.69
CA TYR A 154 -9.76 -3.49 15.55
C TYR A 154 -9.45 -2.71 16.81
N ALA A 155 -8.23 -2.87 17.33
CA ALA A 155 -7.93 -2.48 18.70
C ALA A 155 -8.28 -1.01 18.97
N GLY A 156 -7.83 -0.14 18.08
CA GLY A 156 -8.14 1.26 18.23
C GLY A 156 -9.63 1.55 18.02
N THR A 157 -10.31 0.70 17.26
CA THR A 157 -11.70 0.94 16.89
C THR A 157 -12.63 0.62 18.09
N ILE A 158 -12.42 -0.51 18.75
CA ILE A 158 -13.10 -0.84 20.01
C ILE A 158 -12.69 0.14 21.09
N ALA A 159 -11.42 0.51 21.15
CA ALA A 159 -10.98 1.55 22.10
C ALA A 159 -11.84 2.81 21.99
N TYR A 160 -11.98 3.33 20.77
CA TYR A 160 -12.84 4.51 20.58
C TYR A 160 -14.24 4.26 21.09
N GLU A 161 -14.83 3.09 20.81
CA GLU A 161 -16.15 2.80 21.36
C GLU A 161 -16.11 2.91 22.87
N SER A 162 -15.20 2.18 23.49
CA SER A 162 -15.20 2.08 24.94
C SER A 162 -14.98 3.40 25.59
N MET A 163 -14.45 4.35 24.82
CA MET A 163 -14.14 5.69 25.33
C MET A 163 -15.22 6.73 24.96
N GLY A 164 -16.20 6.28 24.18
CA GLY A 164 -17.43 7.02 23.99
C GLY A 164 -17.73 7.47 22.58
N LEU A 165 -17.08 6.91 21.58
CA LEU A 165 -17.32 7.35 20.20
C LEU A 165 -18.06 6.27 19.42
N LYS A 166 -19.17 6.65 18.79
CA LYS A 166 -19.77 5.74 17.83
C LYS A 166 -18.89 5.77 16.58
N THR A 167 -18.21 4.66 16.36
CA THR A 167 -17.45 4.44 15.15
C THR A 167 -18.36 4.00 14.01
N PHE A 168 -17.99 4.40 12.79
CA PHE A 168 -18.74 4.12 11.55
C PHE A 168 -18.86 2.64 11.17
N GLY A 169 -17.98 1.80 11.70
CA GLY A 169 -17.97 0.37 11.42
C GLY A 169 -16.58 -0.24 11.30
N PHE A 170 -16.54 -1.43 10.69
CA PHE A 170 -15.35 -2.30 10.71
C PHE A 170 -15.72 -3.41 9.70
N ALA A 171 -14.69 -3.78 8.93
CA ALA A 171 -14.43 -5.04 8.25
C ALA A 171 -13.33 -5.89 8.90
N PHE A 172 -13.32 -7.15 8.47
CA PHE A 172 -12.33 -8.14 8.82
C PHE A 172 -11.80 -8.66 7.51
N GLY A 173 -10.78 -9.50 7.58
CA GLY A 173 -10.30 -10.20 6.38
C GLY A 173 -9.00 -9.67 5.81
N ARG A 174 -8.10 -9.27 6.69
CA ARG A 174 -6.78 -8.86 6.31
C ARG A 174 -5.95 -10.10 6.59
N GLU A 175 -5.31 -10.67 5.56
CA GLU A 175 -4.55 -11.91 5.77
C GLU A 175 -3.24 -11.48 6.38
N ASP A 176 -2.65 -12.36 7.18
CA ASP A 176 -1.34 -12.09 7.80
C ASP A 176 -0.13 -12.40 6.89
N ILE A 177 1.00 -11.73 7.12
CA ILE A 177 2.25 -12.13 6.47
C ILE A 177 3.18 -12.76 7.51
N TRP A 178 4.32 -13.27 7.07
CA TRP A 178 5.26 -13.91 8.00
C TRP A 178 6.70 -13.39 7.87
N HIS A 179 6.86 -12.25 7.20
CA HIS A 179 8.11 -11.53 7.15
C HIS A 179 7.91 -10.16 6.57
N PRO A 180 8.95 -9.34 6.58
CA PRO A 180 8.78 -7.98 6.14
C PRO A 180 8.49 -7.87 4.65
N GLU A 181 7.63 -6.92 4.26
CA GLU A 181 7.43 -6.64 2.84
C GLU A 181 8.68 -6.03 2.23
N LYS A 182 9.57 -6.87 1.73
CA LYS A 182 10.74 -6.49 0.99
C LYS A 182 10.49 -5.52 -0.16
N ASP A 183 9.28 -5.50 -0.72
CA ASP A 183 9.01 -4.63 -1.86
C ASP A 183 8.97 -3.11 -1.55
N ILE A 184 8.83 -2.75 -0.28
CA ILE A 184 8.60 -1.35 0.10
C ILE A 184 9.88 -0.58 0.28
N TYR A 185 9.95 0.59 -0.35
CA TYR A 185 11.09 1.49 -0.18
C TYR A 185 10.63 2.62 0.70
N TRP A 186 11.20 2.70 1.91
CA TRP A 186 10.81 3.71 2.90
C TRP A 186 11.53 5.07 2.84
N GLY A 187 12.48 5.23 1.93
CA GLY A 187 13.28 6.46 1.85
C GLY A 187 14.79 6.22 1.98
N PRO A 188 15.60 7.14 1.41
CA PRO A 188 17.03 6.90 1.16
C PRO A 188 17.93 7.00 2.39
N GLU A 189 17.43 7.62 3.45
CA GLU A 189 18.17 7.89 4.70
C GLU A 189 18.90 6.67 5.25
N LYS A 190 20.00 6.93 5.96
CA LYS A 190 20.81 5.87 6.57
C LYS A 190 20.68 5.82 8.09
N GLU A 191 20.49 6.98 8.74
CA GLU A 191 20.17 7.04 10.18
C GLU A 191 18.69 7.43 10.37
N TRP A 192 18.19 7.24 11.60
CA TRP A 192 16.83 7.62 12.00
C TRP A 192 16.66 9.15 12.14
N VAL A 193 15.45 9.64 11.82
CA VAL A 193 15.02 11.05 12.02
C VAL A 193 16.05 12.16 11.74
N PRO A 194 16.81 12.08 10.62
CA PRO A 194 17.87 13.09 10.39
C PRO A 194 17.31 14.47 10.03
N PRO A 195 18.19 15.48 9.88
CA PRO A 195 17.71 16.75 9.28
C PRO A 195 17.32 16.58 7.80
N SER A 196 16.45 17.46 7.30
CA SER A 196 15.98 17.38 5.90
C SER A 196 17.06 17.76 4.86
N THR A 197 18.27 18.03 5.36
CA THR A 197 19.50 18.05 4.56
C THR A 197 20.58 17.19 5.26
N ASN A 198 20.88 16.05 4.66
CA ASN A 198 22.08 15.28 4.96
C ASN A 198 22.52 14.73 3.58
N PRO A 199 23.71 14.10 3.49
CA PRO A 199 24.07 13.53 2.18
C PRO A 199 22.90 12.85 1.44
N ASN A 200 22.18 11.95 2.12
CA ASN A 200 21.03 11.23 1.54
C ASN A 200 19.68 11.74 2.11
N SER A 201 19.32 12.96 1.74
CA SER A 201 18.05 13.57 2.15
C SER A 201 16.99 13.31 1.08
N ARG A 202 15.74 13.11 1.52
CA ARG A 202 14.60 12.84 0.61
C ARG A 202 13.98 14.11 0.02
N TYR A 203 14.58 15.25 0.34
CA TYR A 203 14.08 16.53 -0.07
C TYR A 203 14.94 17.09 -1.20
N THR A 204 14.32 17.45 -2.31
CA THR A 204 15.03 17.99 -3.46
C THR A 204 14.30 19.21 -4.03
N GLY A 205 15.06 20.25 -4.35
CA GLY A 205 14.49 21.45 -4.94
C GLY A 205 13.90 22.61 -4.16
N ASP A 206 12.57 22.61 -4.03
CA ASP A 206 11.87 23.67 -3.33
C ASP A 206 11.43 22.97 -2.04
N ARG A 207 12.32 22.17 -1.48
CA ARG A 207 12.03 21.47 -0.24
C ARG A 207 10.92 20.48 -0.55
N GLU A 208 10.87 20.03 -1.81
CA GLU A 208 9.85 19.07 -2.23
C GLU A 208 10.19 17.65 -1.78
N LEU A 209 9.23 17.00 -1.13
CA LEU A 209 9.42 15.63 -0.64
C LEU A 209 9.33 14.74 -1.87
N GLU A 210 10.39 13.97 -2.18
CA GLU A 210 10.43 13.27 -3.47
C GLU A 210 9.17 12.43 -3.65
N ASN A 211 8.68 12.42 -4.89
CA ASN A 211 7.25 12.19 -5.18
C ASN A 211 6.57 10.88 -4.77
N PRO A 212 7.34 9.84 -4.29
CA PRO A 212 6.69 8.56 -3.85
C PRO A 212 6.49 8.27 -2.34
N LEU A 213 6.98 9.15 -1.46
CA LEU A 213 7.01 8.92 0.00
C LEU A 213 6.09 9.86 0.78
N ALA A 214 5.60 9.42 1.94
CA ALA A 214 4.60 10.19 2.69
C ALA A 214 5.04 10.72 4.05
N ALA A 215 6.21 10.35 4.54
CA ALA A 215 6.74 10.98 5.76
C ALA A 215 7.85 11.96 5.41
N VAL A 216 7.98 12.93 6.31
CA VAL A 216 9.00 13.99 6.22
C VAL A 216 10.43 13.54 6.54
N THR A 217 10.59 12.36 7.14
CA THR A 217 11.91 11.81 7.41
C THR A 217 11.73 10.33 7.79
N MET A 218 12.84 9.60 7.84
CA MET A 218 12.83 8.13 8.02
C MET A 218 12.43 7.66 9.43
N GLY A 219 11.38 6.84 9.50
CA GLY A 219 10.99 6.24 10.77
C GLY A 219 10.06 7.10 11.59
N LEU A 220 9.57 8.14 10.93
CA LEU A 220 8.46 8.92 11.38
C LEU A 220 7.27 8.46 10.58
N ILE A 221 6.09 8.73 11.13
CA ILE A 221 4.88 8.21 10.54
C ILE A 221 4.44 9.21 9.48
N TYR A 222 4.19 10.46 9.87
CA TYR A 222 3.75 11.49 8.92
C TYR A 222 4.65 12.69 9.04
N VAL A 223 4.65 13.32 10.21
CA VAL A 223 5.46 14.52 10.43
C VAL A 223 6.09 14.53 11.78
N ASN A 224 7.00 15.50 11.93
CA ASN A 224 7.69 15.73 13.17
C ASN A 224 6.88 16.60 14.12
N PRO A 225 6.77 16.21 15.41
CA PRO A 225 5.99 16.93 16.44
C PRO A 225 6.68 18.14 17.10
N GLU A 226 8.00 18.19 17.03
CA GLU A 226 8.76 19.32 17.54
C GLU A 226 8.80 20.42 16.49
N GLY A 227 8.33 20.11 15.28
CA GLY A 227 8.17 21.11 14.24
C GLY A 227 9.07 20.69 13.12
N VAL A 228 9.15 21.51 12.07
CA VAL A 228 9.96 21.11 10.93
C VAL A 228 11.43 21.06 11.33
N ASP A 229 12.03 19.89 11.18
CA ASP A 229 13.41 19.64 11.58
C ASP A 229 13.74 19.84 13.08
N GLY A 230 12.75 19.76 13.96
CA GLY A 230 12.96 19.96 15.41
C GLY A 230 12.74 21.43 15.80
N ASN A 231 12.26 22.22 14.84
CA ASN A 231 12.25 23.67 14.96
C ASN A 231 10.84 24.20 14.91
N PRO A 232 10.26 24.44 16.09
CA PRO A 232 8.85 24.77 16.13
C PRO A 232 8.47 25.89 15.20
N ASP A 233 7.53 25.60 14.32
CA ASP A 233 6.90 26.61 13.54
C ASP A 233 5.57 26.08 13.05
N PRO A 234 4.52 26.34 13.82
CA PRO A 234 3.18 25.94 13.50
C PRO A 234 2.76 26.07 12.04
N LEU A 235 3.36 26.98 11.29
CA LEU A 235 2.85 27.24 9.93
C LEU A 235 3.62 26.53 8.84
N LYS A 236 4.82 26.07 9.19
CA LYS A 236 5.57 25.20 8.29
C LYS A 236 4.97 23.84 8.51
N THR A 237 5.05 23.38 9.77
CA THR A 237 4.40 22.15 10.21
C THR A 237 3.07 22.00 9.47
N ALA A 238 2.18 22.98 9.62
CA ALA A 238 0.90 23.00 8.87
C ALA A 238 1.07 22.52 7.44
N HIS A 239 2.01 23.14 6.72
CA HIS A 239 2.25 22.78 5.34
C HIS A 239 2.64 21.31 5.24
N ASP A 240 3.75 20.94 5.88
CA ASP A 240 4.15 19.54 6.08
C ASP A 240 2.99 18.55 6.31
N VAL A 241 2.08 18.89 7.22
CA VAL A 241 0.95 18.04 7.50
C VAL A 241 0.09 17.93 6.26
N ARG A 242 -0.29 19.07 5.70
CA ARG A 242 -1.14 19.10 4.52
C ARG A 242 -0.65 18.21 3.38
N VAL A 243 0.66 18.14 3.13
CA VAL A 243 1.15 17.32 2.02
C VAL A 243 1.17 15.84 2.44
N THR A 244 1.73 15.55 3.61
CA THR A 244 1.87 14.16 4.04
C THR A 244 0.52 13.44 4.12
N PHE A 245 -0.44 14.07 4.79
CA PHE A 245 -1.77 13.51 4.84
C PHE A 245 -2.39 13.39 3.44
N ALA A 246 -2.19 14.39 2.59
CA ALA A 246 -2.69 14.29 1.23
C ALA A 246 -2.14 13.05 0.51
N ARG A 247 -0.89 12.72 0.80
CA ARG A 247 -0.28 11.56 0.22
C ARG A 247 -0.74 10.27 0.89
N MET A 248 -1.40 10.38 2.04
CA MET A 248 -2.14 9.22 2.61
C MET A 248 -3.64 9.38 2.38
N ALA A 249 -3.98 10.17 1.36
CA ALA A 249 -5.33 10.31 0.85
C ALA A 249 -6.30 11.08 1.72
N MET A 250 -5.82 11.84 2.70
CA MET A 250 -6.72 12.60 3.56
C MET A 250 -6.73 14.04 3.13
N ASN A 251 -7.92 14.63 3.15
CA ASN A 251 -8.12 16.04 2.83
C ASN A 251 -8.09 16.91 4.10
N ASP A 252 -8.28 18.22 3.95
CA ASP A 252 -8.15 19.16 5.07
C ASP A 252 -9.11 18.83 6.18
N GLU A 253 -10.37 18.69 5.80
CA GLU A 253 -11.43 18.35 6.75
C GLU A 253 -11.09 17.07 7.52
N GLU A 254 -10.71 16.04 6.78
CA GLU A 254 -10.37 14.74 7.35
C GLU A 254 -9.17 14.81 8.28
N THR A 255 -8.16 15.55 7.86
CA THR A 255 -6.90 15.68 8.53
C THR A 255 -7.05 16.29 9.89
N VAL A 256 -7.77 17.39 9.94
CA VAL A 256 -8.02 18.06 11.21
C VAL A 256 -8.78 17.11 12.11
N ALA A 257 -9.88 16.60 11.55
CA ALA A 257 -10.77 15.68 12.23
C ALA A 257 -10.01 14.54 12.89
N LEU A 258 -9.04 13.99 12.17
CA LEU A 258 -8.23 12.87 12.65
C LEU A 258 -7.27 13.22 13.77
N THR A 259 -6.76 14.45 13.73
CA THR A 259 -5.68 14.86 14.59
C THR A 259 -6.25 15.26 15.94
N ALA A 260 -7.29 16.08 15.85
CA ALA A 260 -8.12 16.39 16.98
C ALA A 260 -8.66 15.11 17.57
N GLY A 261 -9.10 14.18 16.73
CA GLY A 261 -9.82 12.98 17.14
C GLY A 261 -8.89 12.05 17.89
N GLY A 262 -7.67 11.96 17.41
CA GLY A 262 -6.69 11.16 18.08
C GLY A 262 -6.35 11.76 19.42
N HIS A 263 -6.04 13.05 19.40
CA HIS A 263 -5.49 13.68 20.59
C HIS A 263 -6.55 14.09 21.60
N THR A 264 -7.81 13.85 21.22
CA THR A 264 -8.97 13.96 22.11
C THR A 264 -8.91 12.96 23.25
N VAL A 265 -8.09 11.91 23.10
CA VAL A 265 -7.76 11.01 24.22
C VAL A 265 -6.26 10.87 24.32
N GLY A 266 -5.80 10.24 25.39
CA GLY A 266 -4.38 9.96 25.55
C GLY A 266 -3.47 11.14 25.88
N LYS A 267 -2.16 10.82 25.87
CA LYS A 267 -1.08 11.58 26.54
C LYS A 267 0.23 11.48 25.76
N CYS A 268 1.11 12.47 25.90
CA CYS A 268 2.52 12.29 25.54
C CYS A 268 3.30 11.84 26.75
N HIS A 269 4.27 10.94 26.55
CA HIS A 269 5.10 10.44 27.63
C HIS A 269 6.54 10.83 27.42
N GLY A 270 7.05 11.66 28.33
CA GLY A 270 8.43 12.11 28.25
C GLY A 270 8.93 12.56 29.59
N ASN A 271 8.62 11.77 30.60
CA ASN A 271 8.94 12.08 31.97
C ASN A 271 10.14 11.28 32.43
N GLY A 272 11.25 11.50 31.75
CA GLY A 272 12.48 10.74 31.99
C GLY A 272 13.59 11.15 31.02
N ASN A 273 14.60 10.29 30.93
CA ASN A 273 15.72 10.55 30.05
C ASN A 273 15.66 9.61 28.86
N ALA A 274 15.37 10.18 27.69
CA ALA A 274 15.18 9.36 26.49
C ALA A 274 16.38 8.39 26.27
N ALA A 275 17.57 8.97 26.15
CA ALA A 275 18.80 8.20 25.98
C ALA A 275 18.92 6.99 26.91
N LEU A 276 18.28 7.05 28.08
CA LEU A 276 18.36 5.95 29.06
C LEU A 276 17.49 4.71 28.67
N LEU A 277 16.75 4.81 27.58
CA LEU A 277 15.92 3.70 27.09
C LEU A 277 16.76 2.72 26.33
N GLY A 278 16.38 1.46 26.42
CA GLY A 278 17.07 0.38 25.72
C GLY A 278 16.96 0.47 24.21
N PRO A 279 17.54 -0.52 23.52
CA PRO A 279 17.56 -0.53 22.06
C PRO A 279 16.24 -0.95 21.48
N GLU A 280 15.93 -0.36 20.34
CA GLU A 280 14.76 -0.72 19.54
C GLU A 280 14.67 -2.26 19.40
N PRO A 281 13.44 -2.81 19.21
CA PRO A 281 13.26 -4.24 19.36
C PRO A 281 14.12 -5.09 18.46
N GLU A 282 14.48 -4.61 17.27
CA GLU A 282 15.31 -5.43 16.42
C GLU A 282 16.75 -5.40 16.93
N GLY A 283 17.15 -4.29 17.54
CA GLY A 283 18.43 -4.21 18.23
C GLY A 283 18.53 -4.89 19.60
N ALA A 284 17.44 -5.04 20.33
CA ALA A 284 17.51 -5.61 21.68
C ALA A 284 17.85 -7.08 21.67
N ASP A 285 18.33 -7.58 22.81
CA ASP A 285 18.87 -8.93 22.84
C ASP A 285 17.78 -9.94 23.23
N VAL A 286 18.11 -11.24 23.20
CA VAL A 286 17.10 -12.28 23.36
C VAL A 286 16.39 -12.20 24.68
N GLU A 287 16.98 -11.54 25.66
CA GLU A 287 16.34 -11.50 26.98
C GLU A 287 15.13 -10.59 27.03
N ASP A 288 15.00 -9.66 26.08
CA ASP A 288 13.89 -8.71 26.11
C ASP A 288 12.55 -9.25 25.57
N GLN A 289 12.50 -10.54 25.24
CA GLN A 289 11.27 -11.21 24.78
C GLN A 289 10.79 -10.54 23.52
N GLY A 290 11.74 -10.11 22.70
CA GLY A 290 11.44 -9.42 21.48
C GLY A 290 10.60 -8.17 21.62
N LEU A 291 10.56 -7.57 22.80
CA LEU A 291 10.10 -6.18 22.95
C LEU A 291 11.32 -5.28 22.74
N GLY A 292 11.13 -3.98 22.89
CA GLY A 292 12.24 -3.03 22.81
C GLY A 292 12.09 -1.82 23.70
N TRP A 293 13.01 -0.87 23.50
CA TRP A 293 13.07 0.33 24.29
C TRP A 293 12.85 0.07 25.78
N ILE A 294 13.35 -1.06 26.29
CA ILE A 294 13.20 -1.38 27.71
C ILE A 294 14.22 -0.60 28.53
N ASN A 295 13.85 -0.19 29.73
CA ASN A 295 14.80 0.52 30.59
C ASN A 295 15.04 -0.25 31.86
N LYS A 296 16.22 -0.85 31.94
CA LYS A 296 16.57 -1.66 33.08
C LYS A 296 17.15 -0.82 34.24
N THR A 297 17.88 0.26 33.93
CA THR A 297 18.42 1.19 34.96
C THR A 297 17.34 1.68 35.92
N GLN A 298 16.38 2.44 35.40
CA GLN A 298 15.30 3.00 36.23
C GLN A 298 13.92 2.59 35.69
N SER A 299 12.87 2.95 36.41
CA SER A 299 11.48 2.57 36.05
C SER A 299 11.00 3.23 34.74
N GLY A 300 10.48 2.44 33.81
CA GLY A 300 9.90 2.96 32.55
C GLY A 300 8.40 2.77 32.43
N ILE A 301 7.80 2.19 33.47
CA ILE A 301 6.37 1.90 33.54
C ILE A 301 5.59 3.13 34.05
N GLY A 302 4.28 3.09 33.93
CA GLY A 302 3.39 4.06 34.55
C GLY A 302 3.82 5.49 34.37
N ARG A 303 4.33 6.09 35.46
CA ARG A 303 4.47 7.56 35.59
C ARG A 303 5.83 8.11 35.18
N ASN A 304 6.88 7.34 35.50
CA ASN A 304 8.27 7.67 35.12
C ASN A 304 8.60 7.03 33.75
N ALA A 305 7.70 7.30 32.79
CA ALA A 305 7.65 6.64 31.50
C ALA A 305 7.91 7.64 30.36
N VAL A 306 8.72 7.20 29.39
CA VAL A 306 9.11 8.00 28.22
C VAL A 306 8.74 7.26 26.93
N THR A 307 8.26 8.04 25.96
CA THR A 307 7.82 7.56 24.66
C THR A 307 8.20 8.55 23.55
N SER A 308 7.52 9.69 23.47
CA SER A 308 7.85 10.68 22.45
C SER A 308 9.00 11.52 22.93
N GLY A 309 9.02 11.77 24.23
CA GLY A 309 9.91 12.77 24.80
C GLY A 309 9.09 13.96 25.26
N LEU A 310 7.98 14.23 24.56
CA LEU A 310 6.97 15.18 25.00
C LEU A 310 6.23 14.62 26.22
N GLU A 311 5.67 15.49 27.04
CA GLU A 311 4.97 15.08 28.25
C GLU A 311 3.75 15.96 28.52
N GLY A 312 2.68 15.35 29.03
CA GLY A 312 1.38 15.98 29.23
C GLY A 312 0.30 15.42 28.31
N ALA A 313 -0.94 15.80 28.59
CA ALA A 313 -2.13 15.32 27.86
C ALA A 313 -2.83 16.49 27.25
N TRP A 314 -3.44 16.29 26.09
CA TRP A 314 -4.06 17.38 25.33
C TRP A 314 -5.38 17.84 25.97
N THR A 315 -5.93 17.05 26.89
CA THR A 315 -7.29 17.29 27.41
C THR A 315 -7.47 17.01 28.93
N PRO A 316 -8.37 17.72 29.59
CA PRO A 316 -8.54 17.49 31.03
C PRO A 316 -8.98 16.07 31.36
N HIS A 317 -9.74 15.45 30.46
CA HIS A 317 -10.21 14.07 30.61
C HIS A 317 -9.72 13.25 29.38
N PRO A 318 -8.53 12.62 29.49
CA PRO A 318 -7.90 11.88 28.38
C PRO A 318 -8.36 10.44 28.19
N THR A 319 -9.19 9.93 29.10
CA THR A 319 -9.77 8.61 28.93
C THR A 319 -11.20 8.67 28.40
N GLN A 320 -11.68 9.88 28.14
CA GLN A 320 -13.06 10.09 27.72
C GLN A 320 -13.08 10.82 26.38
N TRP A 321 -14.07 10.50 25.55
CA TRP A 321 -14.32 11.26 24.34
C TRP A 321 -15.11 12.50 24.75
N ASP A 322 -14.65 13.65 24.34
CA ASP A 322 -15.22 14.93 24.74
C ASP A 322 -14.76 16.03 23.78
N ASN A 323 -15.04 17.28 24.10
CA ASN A 323 -14.62 18.40 23.26
C ASN A 323 -13.38 19.14 23.72
N GLY A 324 -12.76 18.59 24.77
CA GLY A 324 -11.51 19.12 25.32
C GLY A 324 -10.47 19.62 24.33
N TYR A 325 -10.29 18.92 23.20
CA TYR A 325 -9.17 19.24 22.33
C TYR A 325 -9.31 20.66 21.79
N PHE A 326 -10.44 20.99 21.18
CA PHE A 326 -10.58 22.35 20.66
C PHE A 326 -10.84 23.37 21.75
N ARG A 327 -11.40 22.92 22.86
CA ARG A 327 -11.67 23.81 23.98
C ARG A 327 -10.35 24.32 24.54
N MET A 328 -9.42 23.42 24.81
CA MET A 328 -8.09 23.84 25.24
C MET A 328 -7.42 24.58 24.11
N LEU A 329 -7.47 24.08 22.90
CA LEU A 329 -6.66 24.70 21.87
C LEU A 329 -7.11 26.12 21.51
N LEU A 330 -8.41 26.37 21.54
CA LEU A 330 -8.92 27.64 21.06
C LEU A 330 -9.07 28.63 22.19
N ASN A 331 -9.36 28.17 23.38
CA ASN A 331 -9.53 29.12 24.48
C ASN A 331 -8.22 29.67 25.01
N TYR A 332 -7.27 28.80 25.30
CA TYR A 332 -6.00 29.22 25.84
C TYR A 332 -5.08 29.80 24.79
N ASP A 333 -4.08 30.52 25.25
CA ASP A 333 -2.93 30.89 24.44
C ASP A 333 -1.79 30.02 24.95
N TRP A 334 -0.83 29.78 24.06
CA TRP A 334 0.11 28.70 24.24
C TRP A 334 1.53 29.21 23.97
N GLU A 335 2.52 28.51 24.51
CA GLU A 335 3.89 28.98 24.44
C GLU A 335 4.87 27.85 24.57
N LEU A 336 5.96 27.95 23.82
CA LEU A 336 6.96 26.90 23.85
C LEU A 336 7.55 26.70 25.21
N LYS A 337 7.82 25.45 25.55
CA LYS A 337 8.49 25.10 26.78
C LYS A 337 9.16 23.77 26.44
N LYS A 338 9.63 23.04 27.45
CA LYS A 338 10.45 21.86 27.22
C LYS A 338 9.99 20.78 28.09
N SER A 339 9.73 19.61 27.53
CA SER A 339 9.42 18.47 28.35
C SER A 339 10.56 18.20 29.34
N PRO A 340 10.30 17.35 30.31
CA PRO A 340 11.37 16.88 31.17
C PRO A 340 12.43 16.09 30.43
N ALA A 341 12.08 15.42 29.34
CA ALA A 341 13.06 14.71 28.54
C ALA A 341 13.71 15.68 27.56
N GLY A 342 13.10 16.85 27.41
CA GLY A 342 13.72 17.93 26.67
C GLY A 342 13.23 17.93 25.25
N ALA A 343 12.07 18.54 25.03
CA ALA A 343 11.45 18.50 23.74
C ALA A 343 10.54 19.67 23.59
N TRP A 344 10.56 20.28 22.42
CA TRP A 344 9.68 21.38 22.16
C TRP A 344 8.23 20.93 22.23
N GLN A 345 7.54 21.47 23.22
CA GLN A 345 6.09 21.37 23.26
C GLN A 345 5.46 22.72 23.57
N TRP A 346 4.16 22.82 23.35
CA TRP A 346 3.42 24.01 23.70
C TRP A 346 2.56 23.72 24.90
N GLU A 347 2.52 24.69 25.82
CA GLU A 347 1.73 24.59 27.01
C GLU A 347 0.91 25.84 27.12
N PRO A 348 -0.14 25.80 27.96
CA PRO A 348 -0.98 26.95 28.10
C PRO A 348 -0.38 27.96 29.09
N ILE A 349 -0.63 29.24 28.86
CA ILE A 349 -0.12 30.30 29.72
C ILE A 349 -1.04 30.55 30.90
N ASN A 350 -0.80 29.84 32.00
CA ASN A 350 -1.61 30.00 33.20
C ASN A 350 -3.05 29.51 33.22
N PRO A 351 -3.25 28.23 32.93
CA PRO A 351 -4.58 27.64 32.92
C PRO A 351 -5.27 27.41 34.27
N ARG A 352 -6.44 26.77 34.24
CA ARG A 352 -7.19 26.49 35.48
C ARG A 352 -6.81 25.11 36.03
N GLU A 353 -6.88 24.91 37.34
CA GLU A 353 -6.55 23.59 37.90
C GLU A 353 -7.56 22.54 37.43
N GLU A 354 -8.82 22.95 37.24
CA GLU A 354 -9.90 22.06 36.78
C GLU A 354 -9.53 21.38 35.48
N ASP A 355 -8.91 22.16 34.60
CA ASP A 355 -8.44 21.72 33.29
C ASP A 355 -7.15 20.87 33.30
N LEU A 356 -6.63 20.55 34.47
CA LEU A 356 -5.38 19.87 34.48
C LEU A 356 -5.65 18.40 34.52
N PRO A 357 -5.10 17.68 33.52
CA PRO A 357 -5.25 16.25 33.55
C PRO A 357 -4.52 15.77 34.77
N VAL A 358 -5.08 14.80 35.45
CA VAL A 358 -4.41 14.30 36.62
C VAL A 358 -3.34 13.28 36.22
N ASP A 359 -2.72 12.72 37.26
CA ASP A 359 -1.58 11.85 37.12
C ASP A 359 -2.04 10.43 36.77
N VAL A 360 -1.16 9.70 36.08
CA VAL A 360 -1.48 8.37 35.61
C VAL A 360 -1.56 7.32 36.71
N GLU A 361 -0.88 7.57 37.83
CA GLU A 361 -0.92 6.66 38.96
C GLU A 361 -1.80 7.20 40.08
N ASP A 362 -1.55 8.43 40.48
CA ASP A 362 -2.28 9.02 41.59
C ASP A 362 -3.18 10.15 41.11
N PRO A 363 -4.50 9.89 41.01
CA PRO A 363 -5.46 10.84 40.43
C PRO A 363 -5.60 12.15 41.19
N SER A 364 -5.04 12.21 42.39
CA SER A 364 -5.10 13.43 43.18
C SER A 364 -3.76 14.12 43.07
N ILE A 365 -3.29 14.33 41.84
CA ILE A 365 -2.13 15.18 41.52
C ILE A 365 -2.36 15.70 40.10
N ARG A 366 -2.39 17.01 39.93
CA ARG A 366 -2.70 17.55 38.64
C ARG A 366 -1.44 17.83 37.88
N ARG A 367 -1.44 17.48 36.59
CA ARG A 367 -0.27 17.60 35.73
C ARG A 367 -0.64 18.62 34.66
N ASN A 368 -0.01 18.55 33.49
CA ASN A 368 -0.11 19.65 32.53
C ASN A 368 -0.79 19.28 31.24
N LEU A 369 -0.95 20.27 30.37
CA LEU A 369 -1.47 20.05 29.02
C LEU A 369 -0.41 20.36 27.98
N VAL A 370 -0.63 19.83 26.79
CA VAL A 370 0.31 20.01 25.73
C VAL A 370 -0.39 20.25 24.46
N MET A 371 0.37 20.74 23.52
CA MET A 371 0.01 20.63 22.13
C MET A 371 1.32 20.34 21.38
N THR A 372 1.26 19.49 20.38
CA THR A 372 2.37 19.33 19.50
C THR A 372 2.36 20.50 18.55
N ASP A 373 3.46 20.67 17.81
CA ASP A 373 3.55 21.72 16.82
C ASP A 373 2.48 21.49 15.76
N ALA A 374 2.13 20.22 15.56
CA ALA A 374 1.11 19.83 14.59
C ALA A 374 -0.29 20.13 15.08
N ASP A 375 -0.52 19.96 16.38
CA ASP A 375 -1.73 20.47 16.99
C ASP A 375 -1.84 22.00 16.82
N MET A 376 -0.76 22.74 17.11
CA MET A 376 -0.77 24.20 16.91
C MET A 376 -1.03 24.59 15.47
N ALA A 377 -0.46 23.84 14.54
CA ALA A 377 -0.76 24.07 13.12
C ALA A 377 -2.23 24.17 12.82
N MET A 378 -3.09 23.64 13.70
CA MET A 378 -4.53 23.57 13.45
C MET A 378 -5.19 24.89 13.71
N LYS A 379 -4.72 25.56 14.77
CA LYS A 379 -5.07 26.93 15.11
C LYS A 379 -4.40 27.98 14.18
N MET A 380 -3.07 27.89 14.01
CA MET A 380 -2.28 28.95 13.36
C MET A 380 -2.41 29.02 11.86
N ASP A 381 -2.70 27.90 11.22
CA ASP A 381 -2.87 27.87 9.78
C ASP A 381 -4.27 28.38 9.51
N PRO A 382 -4.40 29.37 8.60
CA PRO A 382 -5.69 30.00 8.36
C PRO A 382 -6.75 29.04 7.85
N GLU A 383 -6.35 28.09 7.01
CA GLU A 383 -7.31 27.16 6.43
C GLU A 383 -7.79 26.15 7.47
N TYR A 384 -6.84 25.54 8.17
CA TYR A 384 -7.19 24.63 9.23
C TYR A 384 -8.00 25.34 10.29
N ARG A 385 -7.66 26.59 10.56
CA ARG A 385 -8.32 27.28 11.66
C ARG A 385 -9.82 27.26 11.42
N LYS A 386 -10.22 27.56 10.19
CA LYS A 386 -11.64 27.58 9.77
C LYS A 386 -12.37 26.25 10.03
N ILE A 387 -11.63 25.16 9.93
CA ILE A 387 -12.22 23.85 10.14
C ILE A 387 -12.27 23.56 11.65
N SER A 388 -11.20 23.89 12.35
CA SER A 388 -11.16 23.72 13.80
C SER A 388 -12.32 24.44 14.49
N GLU A 389 -12.71 25.58 13.95
CA GLU A 389 -13.81 26.39 14.48
C GLU A 389 -15.13 25.68 14.28
N ARG A 390 -15.23 25.03 13.14
CA ARG A 390 -16.43 24.34 12.74
C ARG A 390 -16.73 23.15 13.68
N PHE A 391 -15.66 22.42 14.03
CA PHE A 391 -15.77 21.28 14.92
C PHE A 391 -15.91 21.69 16.37
N TYR A 392 -15.50 22.92 16.66
CA TYR A 392 -15.58 23.39 18.02
C TYR A 392 -17.05 23.62 18.31
N GLN A 393 -17.72 24.35 17.42
CA GLN A 393 -19.11 24.71 17.69
C GLN A 393 -20.10 23.75 17.05
N ASP A 394 -19.60 22.67 16.46
CA ASP A 394 -20.47 21.60 15.99
C ASP A 394 -19.91 20.21 16.26
N PRO A 395 -19.80 19.82 17.53
CA PRO A 395 -19.22 18.51 17.86
C PRO A 395 -19.88 17.36 17.11
N ALA A 396 -21.20 17.43 16.94
CA ALA A 396 -21.93 16.36 16.27
C ALA A 396 -21.34 16.05 14.92
N TYR A 397 -20.98 17.10 14.20
CA TYR A 397 -20.36 17.01 12.88
C TYR A 397 -18.96 16.44 13.00
N PHE A 398 -18.10 17.12 13.78
CA PHE A 398 -16.79 16.57 14.14
C PHE A 398 -16.84 15.06 14.30
N ALA A 399 -17.57 14.54 15.28
CA ALA A 399 -17.62 13.09 15.48
C ALA A 399 -18.10 12.29 14.26
N ASP A 400 -19.01 12.84 13.46
CA ASP A 400 -19.46 12.07 12.29
C ASP A 400 -18.31 12.05 11.30
N VAL A 401 -17.78 13.23 10.96
CA VAL A 401 -16.58 13.31 10.10
C VAL A 401 -15.42 12.43 10.57
N PHE A 402 -15.01 12.58 11.82
CA PHE A 402 -13.91 11.79 12.33
C PHE A 402 -14.13 10.28 12.22
N ALA A 403 -15.30 9.77 12.63
CA ALA A 403 -15.58 8.31 12.61
C ALA A 403 -15.44 7.71 11.22
N ARG A 404 -15.86 8.46 10.22
CA ARG A 404 -15.65 8.09 8.85
C ARG A 404 -14.18 8.05 8.51
N ALA A 405 -13.48 9.17 8.74
CA ALA A 405 -12.05 9.26 8.46
C ALA A 405 -11.23 8.15 9.15
N TRP A 406 -11.56 7.82 10.39
CA TRP A 406 -10.90 6.72 11.08
C TRP A 406 -11.16 5.38 10.38
N PHE A 407 -12.39 5.21 9.92
CA PHE A 407 -12.76 4.02 9.21
C PHE A 407 -12.13 4.04 7.82
N LYS A 408 -12.10 5.18 7.16
CA LYS A 408 -11.33 5.24 5.94
C LYS A 408 -9.85 4.94 6.22
N LEU A 409 -9.27 5.64 7.18
CA LEU A 409 -7.89 5.41 7.57
C LEU A 409 -7.62 3.92 7.68
N THR A 410 -8.46 3.22 8.41
CA THR A 410 -8.18 1.82 8.73
C THR A 410 -8.58 0.84 7.64
N HIS A 411 -9.25 1.32 6.60
CA HIS A 411 -9.63 0.45 5.49
C HIS A 411 -9.29 0.94 4.09
N ARG A 412 -8.55 2.03 3.97
CA ARG A 412 -8.29 2.62 2.64
C ARG A 412 -7.47 1.67 1.78
N ASP A 413 -6.87 0.65 2.41
CA ASP A 413 -6.03 -0.31 1.69
C ASP A 413 -6.65 -1.69 1.43
N MET A 414 -7.76 -2.04 2.09
CA MET A 414 -8.46 -3.31 1.81
C MET A 414 -9.08 -3.45 0.38
N GLY A 415 -9.06 -2.38 -0.41
CA GLY A 415 -9.69 -2.42 -1.74
C GLY A 415 -11.19 -2.59 -1.63
N PRO A 416 -11.81 -3.27 -2.61
CA PRO A 416 -13.27 -3.29 -2.74
C PRO A 416 -14.00 -4.12 -1.67
N LYS A 417 -15.30 -3.92 -1.61
CA LYS A 417 -16.10 -4.40 -0.52
C LYS A 417 -16.33 -5.92 -0.62
N ALA A 418 -16.14 -6.46 -1.82
CA ALA A 418 -16.09 -7.92 -1.99
C ALA A 418 -15.27 -8.64 -0.89
N ARG A 419 -14.19 -8.00 -0.43
CA ARG A 419 -13.23 -8.58 0.51
C ARG A 419 -13.56 -8.28 1.97
N TYR A 420 -14.49 -7.35 2.20
CA TYR A 420 -14.88 -6.95 3.55
C TYR A 420 -15.71 -8.07 4.18
N ILE A 421 -15.66 -8.22 5.49
CA ILE A 421 -16.28 -9.38 6.15
C ILE A 421 -16.73 -9.00 7.55
N GLY A 422 -17.75 -9.71 8.04
CA GLY A 422 -18.16 -9.56 9.41
C GLY A 422 -19.24 -8.50 9.61
N PRO A 423 -19.90 -8.55 10.77
CA PRO A 423 -21.18 -7.91 11.04
C PRO A 423 -21.25 -6.40 11.01
N ASP A 424 -20.13 -5.69 11.13
CA ASP A 424 -20.21 -4.23 11.28
C ASP A 424 -19.84 -3.49 9.99
N VAL A 425 -20.04 -4.09 8.83
CA VAL A 425 -19.57 -3.42 7.62
C VAL A 425 -20.58 -2.39 7.09
N PRO A 426 -20.18 -1.10 7.05
CA PRO A 426 -21.05 -0.14 6.39
C PRO A 426 -21.57 -0.63 5.04
N GLN A 427 -22.83 -1.06 5.08
CA GLN A 427 -23.74 -1.24 3.94
C GLN A 427 -23.64 -0.15 2.89
N GLU A 428 -23.28 1.07 3.34
CA GLU A 428 -23.01 2.21 2.47
C GLU A 428 -21.81 1.99 1.59
N ASP A 429 -21.85 2.57 0.40
CA ASP A 429 -20.68 2.60 -0.51
C ASP A 429 -19.91 3.90 -0.41
N LEU A 430 -18.62 3.81 -0.09
CA LEU A 430 -17.78 4.98 -0.01
C LEU A 430 -17.09 5.07 -1.35
N ILE A 431 -16.75 6.27 -1.76
CA ILE A 431 -16.24 6.47 -3.12
C ILE A 431 -14.86 5.83 -3.24
N TRP A 432 -14.09 5.91 -2.17
CA TRP A 432 -12.75 5.31 -2.11
C TRP A 432 -12.76 3.80 -1.92
N GLN A 433 -13.92 3.16 -1.93
CA GLN A 433 -13.99 1.70 -2.05
C GLN A 433 -14.09 1.29 -3.53
N ASP A 434 -13.79 2.25 -4.40
CA ASP A 434 -13.88 2.04 -5.84
C ASP A 434 -14.94 1.08 -6.29
N PRO A 435 -16.19 1.37 -5.95
CA PRO A 435 -17.25 0.35 -5.99
C PRO A 435 -17.53 -0.17 -7.39
N ILE A 436 -18.08 -1.37 -7.47
CA ILE A 436 -18.44 -1.95 -8.75
C ILE A 436 -19.67 -2.83 -8.59
N PRO A 437 -20.69 -2.62 -9.45
CA PRO A 437 -21.82 -3.50 -9.60
C PRO A 437 -21.43 -4.95 -9.69
N ALA A 438 -22.34 -5.85 -9.33
CA ALA A 438 -22.17 -7.25 -9.68
C ALA A 438 -22.43 -7.36 -11.19
N GLY A 439 -21.86 -8.39 -11.79
CA GLY A 439 -21.99 -8.57 -13.21
C GLY A 439 -22.99 -9.67 -13.50
N ASN A 440 -23.40 -9.75 -14.76
CA ASN A 440 -24.35 -10.75 -15.19
C ASN A 440 -23.68 -12.13 -15.11
N ARG A 441 -24.01 -12.84 -14.04
CA ARG A 441 -23.28 -14.04 -13.66
C ARG A 441 -23.19 -15.04 -14.83
N ASN A 442 -24.34 -15.41 -15.39
CA ASN A 442 -24.46 -16.44 -16.45
C ASN A 442 -25.23 -15.95 -17.68
N TYR A 443 -24.81 -16.47 -18.82
CA TYR A 443 -25.21 -16.01 -20.15
C TYR A 443 -24.30 -16.86 -21.08
N ASP A 444 -24.48 -16.81 -22.40
CA ASP A 444 -23.67 -17.68 -23.27
C ASP A 444 -22.40 -16.98 -23.70
N VAL A 445 -21.31 -17.42 -23.05
CA VAL A 445 -19.95 -16.96 -23.29
C VAL A 445 -19.53 -17.17 -24.74
N GLN A 446 -19.68 -18.42 -25.18
CA GLN A 446 -19.24 -18.86 -26.49
C GLN A 446 -19.81 -17.96 -27.61
N ALA A 447 -21.02 -17.46 -27.39
CA ALA A 447 -21.66 -16.51 -28.30
C ALA A 447 -20.87 -15.19 -28.40
N VAL A 448 -20.44 -14.71 -27.24
CA VAL A 448 -19.76 -13.41 -27.20
C VAL A 448 -18.41 -13.58 -27.86
N LYS A 449 -17.74 -14.70 -27.58
CA LYS A 449 -16.50 -15.03 -28.29
C LYS A 449 -16.75 -14.96 -29.81
N ASP A 450 -17.80 -15.67 -30.23
CA ASP A 450 -18.21 -15.68 -31.61
C ASP A 450 -18.28 -14.28 -32.16
N ARG A 451 -19.06 -13.41 -31.54
CA ARG A 451 -19.26 -12.08 -32.11
C ARG A 451 -17.97 -11.26 -32.06
N ILE A 452 -17.16 -11.45 -31.03
CA ILE A 452 -15.89 -10.72 -30.93
C ILE A 452 -15.05 -11.03 -32.17
N ALA A 453 -14.89 -12.33 -32.43
CA ALA A 453 -14.08 -12.84 -33.56
C ALA A 453 -14.48 -12.23 -34.93
N ALA A 454 -15.81 -12.11 -35.12
CA ALA A 454 -16.43 -11.44 -36.27
C ALA A 454 -15.80 -10.09 -36.66
N SER A 455 -15.78 -9.17 -35.71
CA SER A 455 -15.22 -7.84 -35.91
C SER A 455 -13.85 -7.86 -36.56
N GLY A 456 -13.58 -6.83 -37.38
CA GLY A 456 -12.30 -6.67 -38.07
C GLY A 456 -11.30 -6.07 -37.09
N LEU A 457 -10.95 -6.88 -36.09
CA LEU A 457 -10.25 -6.40 -34.89
C LEU A 457 -9.03 -7.26 -34.64
N SER A 458 -7.84 -6.66 -34.72
CA SER A 458 -6.59 -7.46 -34.67
C SER A 458 -6.27 -8.03 -33.28
N ILE A 459 -5.33 -8.96 -33.25
CA ILE A 459 -4.92 -9.56 -32.01
C ILE A 459 -4.26 -8.50 -31.13
N SER A 460 -3.43 -7.64 -31.75
CA SER A 460 -2.84 -6.49 -31.06
C SER A 460 -3.92 -5.66 -30.37
N GLU A 461 -4.87 -5.15 -31.15
CA GLU A 461 -5.99 -4.39 -30.62
C GLU A 461 -6.73 -5.09 -29.50
N LEU A 462 -7.11 -6.33 -29.76
CA LEU A 462 -7.81 -7.07 -28.74
C LEU A 462 -7.01 -7.10 -27.44
N VAL A 463 -5.78 -7.60 -27.56
CA VAL A 463 -4.97 -8.00 -26.42
C VAL A 463 -4.46 -6.80 -25.66
N SER A 464 -4.09 -5.74 -26.35
CA SER A 464 -3.65 -4.52 -25.66
C SER A 464 -4.71 -3.96 -24.70
N THR A 465 -5.84 -3.60 -25.27
CA THR A 465 -7.00 -3.17 -24.53
C THR A 465 -7.32 -4.09 -23.34
N ALA A 466 -7.48 -5.38 -23.58
CA ALA A 466 -7.65 -6.33 -22.48
C ALA A 466 -6.52 -6.22 -21.46
N TRP A 467 -5.30 -6.12 -21.94
CA TRP A 467 -4.13 -6.01 -21.04
C TRP A 467 -4.27 -4.76 -20.19
N ASP A 468 -4.63 -3.66 -20.85
CA ASP A 468 -4.61 -2.32 -20.27
C ASP A 468 -5.72 -2.13 -19.25
N SER A 469 -6.91 -2.67 -19.51
CA SER A 469 -7.99 -2.65 -18.49
C SER A 469 -7.50 -3.32 -17.19
N ALA A 470 -6.74 -4.41 -17.36
CA ALA A 470 -6.25 -5.25 -16.25
C ALA A 470 -5.00 -4.74 -15.53
N ARG A 471 -4.18 -3.97 -16.25
CA ARG A 471 -2.83 -3.65 -15.82
C ARG A 471 -2.79 -2.67 -14.64
N THR A 472 -3.91 -1.98 -14.41
CA THR A 472 -3.96 -1.05 -13.29
C THR A 472 -3.84 -1.72 -11.93
N TYR A 473 -4.36 -2.95 -11.81
CA TYR A 473 -4.39 -3.63 -10.51
C TYR A 473 -3.06 -3.49 -9.77
N ARG A 474 -3.16 -3.38 -8.43
CA ARG A 474 -1.98 -3.44 -7.56
C ARG A 474 -2.34 -3.98 -6.17
N ASN A 475 -1.66 -5.04 -5.72
CA ASN A 475 -1.99 -5.71 -4.41
C ASN A 475 -1.68 -4.86 -3.17
N SER A 476 -0.79 -3.90 -3.34
CA SER A 476 -0.38 -3.02 -2.27
C SER A 476 -1.61 -2.49 -1.51
N ASP A 477 -2.64 -2.11 -2.28
CA ASP A 477 -3.92 -1.68 -1.70
C ASP A 477 -5.16 -2.17 -2.47
N LYS A 478 -4.97 -3.18 -3.32
CA LYS A 478 -6.07 -3.82 -4.06
C LYS A 478 -6.97 -2.88 -4.88
N ARG A 479 -6.42 -1.77 -5.34
CA ARG A 479 -7.11 -0.94 -6.34
C ARG A 479 -6.66 -1.35 -7.75
N GLY A 480 -7.41 -0.89 -8.74
CA GLY A 480 -7.18 -1.28 -10.13
C GLY A 480 -7.81 -2.62 -10.48
N GLY A 481 -7.80 -2.91 -11.77
CA GLY A 481 -8.16 -4.22 -12.24
C GLY A 481 -9.01 -4.16 -13.48
N ALA A 482 -9.24 -5.33 -14.08
CA ALA A 482 -10.14 -5.52 -15.23
C ALA A 482 -11.57 -5.14 -14.91
N ASN A 483 -11.95 -5.44 -13.67
CA ASN A 483 -13.30 -5.31 -13.18
C ASN A 483 -13.69 -3.86 -13.04
N GLY A 484 -14.97 -3.59 -13.29
CA GLY A 484 -15.51 -2.23 -13.33
C GLY A 484 -15.30 -1.49 -14.64
N ALA A 485 -14.54 -2.09 -15.53
CA ALA A 485 -14.22 -1.47 -16.79
C ALA A 485 -14.01 0.06 -16.76
N ARG A 486 -13.44 0.57 -15.67
CA ARG A 486 -13.15 2.00 -15.53
C ARG A 486 -12.24 2.57 -16.64
N ILE A 487 -11.76 1.68 -17.48
CA ILE A 487 -10.92 2.05 -18.61
C ILE A 487 -11.66 2.95 -19.61
N ARG A 488 -12.92 2.57 -19.92
CA ARG A 488 -13.83 3.33 -20.81
C ARG A 488 -14.17 4.74 -20.31
N LEU A 489 -14.25 4.88 -18.98
CA LEU A 489 -14.53 6.13 -18.29
C LEU A 489 -13.34 7.07 -18.22
N ALA A 490 -13.61 8.34 -17.92
CA ALA A 490 -12.59 9.30 -17.47
C ALA A 490 -12.15 8.96 -16.03
N PRO A 491 -10.87 9.21 -15.72
CA PRO A 491 -9.85 9.89 -16.50
C PRO A 491 -9.09 8.98 -17.43
N GLN A 492 -9.48 7.71 -17.44
CA GLN A 492 -8.62 6.64 -17.85
C GLN A 492 -8.52 6.59 -19.35
N LYS A 493 -9.66 6.71 -20.03
CA LYS A 493 -9.70 6.67 -21.49
C LYS A 493 -9.02 7.85 -22.16
N ASP A 494 -8.34 8.71 -21.41
CA ASP A 494 -7.59 9.79 -22.03
C ASP A 494 -6.11 9.73 -21.69
N TRP A 495 -5.67 8.66 -21.04
CA TRP A 495 -4.25 8.52 -20.66
C TRP A 495 -3.48 8.11 -21.88
N GLU A 496 -2.31 8.70 -22.08
CA GLU A 496 -1.51 8.45 -23.27
C GLU A 496 -1.14 6.97 -23.39
N GLY A 497 -0.41 6.45 -22.40
CA GLY A 497 0.04 5.06 -22.39
C GLY A 497 -1.06 4.08 -22.78
N ASN A 498 -2.30 4.54 -22.59
CA ASN A 498 -3.49 3.75 -22.77
C ASN A 498 -4.05 3.91 -24.17
N GLU A 499 -3.39 4.73 -24.99
CA GLU A 499 -3.57 4.77 -26.47
C GLU A 499 -4.99 5.10 -26.94
N PRO A 500 -5.43 6.33 -26.66
CA PRO A 500 -6.86 6.53 -26.55
C PRO A 500 -7.59 6.36 -27.89
N ASP A 501 -6.87 6.52 -29.01
CA ASP A 501 -7.47 6.30 -30.32
C ASP A 501 -7.80 4.81 -30.45
N ARG A 502 -6.76 3.97 -30.46
CA ARG A 502 -6.91 2.52 -30.49
C ARG A 502 -8.03 2.13 -29.53
N LEU A 503 -7.97 2.71 -28.34
CA LEU A 503 -8.89 2.36 -27.32
C LEU A 503 -10.29 2.63 -27.83
N ALA A 504 -10.52 3.88 -28.22
CA ALA A 504 -11.85 4.36 -28.62
C ALA A 504 -12.47 3.38 -29.58
N LYS A 505 -11.72 3.17 -30.67
CA LYS A 505 -12.06 2.25 -31.72
C LYS A 505 -12.54 0.89 -31.19
N VAL A 506 -11.79 0.32 -30.26
CA VAL A 506 -12.08 -1.04 -29.78
C VAL A 506 -13.35 -1.02 -28.96
N LEU A 507 -13.55 0.04 -28.22
CA LEU A 507 -14.63 0.07 -27.27
C LEU A 507 -15.94 0.21 -28.03
N ALA A 508 -15.92 1.09 -29.03
CA ALA A 508 -17.07 1.27 -29.91
C ALA A 508 -17.66 -0.12 -30.23
N VAL A 509 -16.84 -0.94 -30.86
CA VAL A 509 -17.15 -2.35 -31.12
C VAL A 509 -17.63 -3.08 -29.85
N LEU A 510 -16.74 -3.21 -28.87
CA LEU A 510 -16.98 -4.06 -27.71
C LEU A 510 -18.15 -3.59 -26.84
N GLU A 511 -18.44 -2.29 -26.87
CA GLU A 511 -19.54 -1.73 -26.08
C GLU A 511 -20.89 -2.28 -26.59
N GLY A 512 -21.06 -2.25 -27.92
CA GLY A 512 -22.27 -2.72 -28.58
C GLY A 512 -22.41 -4.24 -28.55
N ILE A 513 -21.28 -4.92 -28.65
CA ILE A 513 -21.27 -6.38 -28.55
C ILE A 513 -21.73 -6.77 -27.15
N ALA A 514 -21.44 -5.91 -26.19
CA ALA A 514 -21.78 -6.11 -24.79
C ALA A 514 -23.20 -5.68 -24.54
N ALA A 515 -23.61 -4.62 -25.24
CA ALA A 515 -25.01 -4.15 -25.22
C ALA A 515 -25.85 -5.26 -25.81
N ALA A 516 -25.48 -5.68 -27.01
CA ALA A 516 -26.14 -6.78 -27.67
C ALA A 516 -26.29 -8.05 -26.81
N THR A 517 -25.39 -8.26 -25.84
CA THR A 517 -25.30 -9.55 -25.14
C THR A 517 -25.70 -9.56 -23.65
N GLY A 518 -25.74 -8.38 -23.01
CA GLY A 518 -25.94 -8.30 -21.55
C GLY A 518 -24.84 -8.99 -20.76
N ALA A 519 -23.63 -8.96 -21.31
CA ALA A 519 -22.42 -9.31 -20.59
C ALA A 519 -21.72 -7.97 -20.40
N SER A 520 -21.13 -7.73 -19.24
CA SER A 520 -20.52 -6.42 -18.92
C SER A 520 -19.40 -6.01 -19.89
N VAL A 521 -19.29 -4.72 -20.20
CA VAL A 521 -18.15 -4.26 -21.00
C VAL A 521 -16.84 -4.87 -20.44
N ALA A 522 -16.69 -4.89 -19.12
CA ALA A 522 -15.54 -5.51 -18.46
C ALA A 522 -15.33 -6.93 -18.94
N ASP A 523 -16.34 -7.79 -18.82
CA ASP A 523 -16.26 -9.21 -19.21
C ASP A 523 -15.87 -9.34 -20.67
N VAL A 524 -16.38 -8.43 -21.48
CA VAL A 524 -16.12 -8.45 -22.90
C VAL A 524 -14.68 -7.98 -23.13
N ILE A 525 -14.32 -6.81 -22.61
CA ILE A 525 -12.95 -6.31 -22.69
C ILE A 525 -11.91 -7.42 -22.38
N VAL A 526 -12.18 -8.20 -21.34
CA VAL A 526 -11.35 -9.33 -20.96
C VAL A 526 -11.39 -10.42 -22.02
N LEU A 527 -12.60 -10.90 -22.30
CA LEU A 527 -12.84 -11.97 -23.26
C LEU A 527 -12.28 -11.62 -24.65
N ALA A 528 -12.30 -10.34 -25.01
CA ALA A 528 -11.58 -9.83 -26.18
C ALA A 528 -10.08 -10.17 -26.19
N GLY A 529 -9.42 -9.92 -25.08
CA GLY A 529 -8.05 -10.34 -24.92
C GLY A 529 -8.00 -11.84 -25.12
N ASN A 530 -8.77 -12.59 -24.32
CA ASN A 530 -8.75 -14.07 -24.35
C ASN A 530 -8.79 -14.62 -25.76
N VAL A 531 -9.79 -14.19 -26.52
CA VAL A 531 -9.91 -14.60 -27.92
C VAL A 531 -8.61 -14.36 -28.64
N GLY A 532 -8.18 -13.09 -28.69
CA GLY A 532 -6.96 -12.68 -29.39
C GLY A 532 -5.78 -13.59 -29.12
N VAL A 533 -5.58 -13.95 -27.86
CA VAL A 533 -4.55 -14.92 -27.50
C VAL A 533 -4.81 -16.23 -28.26
N GLU A 534 -5.95 -16.87 -27.97
CA GLU A 534 -6.36 -18.13 -28.63
C GLU A 534 -6.18 -18.09 -30.16
N GLN A 535 -6.42 -16.95 -30.78
CA GLN A 535 -6.20 -16.83 -32.22
C GLN A 535 -4.73 -16.87 -32.58
N ALA A 536 -3.89 -16.12 -31.85
CA ALA A 536 -2.44 -16.16 -32.08
C ALA A 536 -1.91 -17.55 -31.75
N ALA A 537 -2.44 -18.18 -30.71
CA ALA A 537 -2.03 -19.52 -30.32
C ALA A 537 -2.38 -20.58 -31.37
N ARG A 538 -3.62 -20.58 -31.85
CA ARG A 538 -4.04 -21.57 -32.83
C ARG A 538 -3.14 -21.43 -34.04
N ALA A 539 -3.12 -20.24 -34.63
CA ALA A 539 -2.20 -19.91 -35.74
C ALA A 539 -0.79 -20.47 -35.53
N ALA A 540 -0.40 -20.69 -34.27
CA ALA A 540 0.86 -21.37 -33.96
C ALA A 540 0.70 -22.87 -34.15
N GLY A 541 -0.45 -23.40 -33.76
CA GLY A 541 -0.77 -24.79 -34.02
C GLY A 541 -1.25 -25.47 -32.78
N VAL A 542 -0.94 -24.89 -31.61
CA VAL A 542 -1.57 -25.30 -30.36
C VAL A 542 -2.88 -24.51 -30.20
N GLU A 543 -3.98 -25.25 -30.17
CA GLU A 543 -5.32 -24.68 -30.04
C GLU A 543 -5.81 -25.02 -28.65
N ILE A 544 -6.22 -24.02 -27.87
CA ILE A 544 -6.72 -24.26 -26.50
C ILE A 544 -7.91 -23.35 -26.20
N VAL A 545 -8.69 -23.65 -25.15
CA VAL A 545 -9.61 -22.66 -24.57
C VAL A 545 -9.09 -22.13 -23.23
N LEU A 546 -8.73 -20.84 -23.25
CA LEU A 546 -8.38 -20.05 -22.08
C LEU A 546 -9.53 -20.03 -21.10
N PRO A 547 -9.26 -20.16 -19.80
CA PRO A 547 -10.40 -20.14 -18.85
C PRO A 547 -11.11 -18.77 -18.76
N PHE A 548 -12.28 -18.73 -18.11
CA PHE A 548 -13.00 -17.47 -18.08
C PHE A 548 -13.88 -17.31 -16.86
N ALA A 549 -13.77 -16.12 -16.30
CA ALA A 549 -14.45 -15.73 -15.09
C ALA A 549 -15.42 -14.64 -15.52
N PRO A 550 -16.68 -15.02 -15.77
CA PRO A 550 -17.67 -14.00 -16.00
C PRO A 550 -18.17 -13.49 -14.65
N GLY A 551 -18.82 -12.34 -14.66
CA GLY A 551 -19.42 -11.82 -13.45
C GLY A 551 -19.01 -10.42 -13.09
N ARG A 552 -18.14 -9.80 -13.92
CA ARG A 552 -17.58 -8.49 -13.62
C ARG A 552 -18.62 -7.41 -13.84
N GLY A 553 -18.73 -6.47 -12.91
CA GLY A 553 -19.61 -5.32 -13.08
C GLY A 553 -19.00 -4.24 -13.94
N ASP A 554 -19.78 -3.20 -14.20
CA ASP A 554 -19.35 -2.02 -14.95
C ASP A 554 -19.59 -0.78 -14.13
N ALA A 555 -18.57 -0.29 -13.45
CA ALA A 555 -18.74 0.83 -12.54
C ALA A 555 -19.06 2.12 -13.29
N THR A 556 -19.91 2.95 -12.68
CA THR A 556 -20.41 4.20 -13.27
C THR A 556 -19.43 5.30 -12.95
N ALA A 557 -19.43 6.38 -13.71
CA ALA A 557 -18.47 7.46 -13.47
C ALA A 557 -18.80 8.32 -12.24
N GLU A 558 -20.03 8.19 -11.73
CA GLU A 558 -20.42 8.86 -10.49
C GLU A 558 -19.65 8.21 -9.36
N GLN A 559 -19.77 6.90 -9.26
CA GLN A 559 -19.01 6.11 -8.30
C GLN A 559 -17.53 5.91 -8.73
N THR A 560 -16.88 6.99 -9.18
CA THR A 560 -15.50 6.96 -9.71
C THR A 560 -14.71 8.28 -9.46
N ASP A 561 -13.93 8.31 -8.37
CA ASP A 561 -13.21 9.54 -7.98
C ASP A 561 -12.04 9.77 -8.88
N THR A 562 -12.25 10.50 -9.96
CA THR A 562 -11.23 10.59 -10.99
C THR A 562 -9.88 11.19 -10.49
N GLU A 563 -9.89 12.16 -9.58
CA GLU A 563 -8.63 12.66 -9.03
C GLU A 563 -7.82 11.53 -8.40
N SER A 564 -8.51 10.69 -7.64
CA SER A 564 -7.84 9.56 -6.99
C SER A 564 -7.17 8.63 -8.02
N PHE A 565 -7.83 8.36 -9.12
CA PHE A 565 -7.31 7.37 -10.06
C PHE A 565 -6.06 7.79 -10.80
N ALA A 566 -5.61 9.04 -10.65
CA ALA A 566 -4.36 9.45 -11.28
C ALA A 566 -3.15 8.66 -10.76
N VAL A 567 -3.07 8.35 -9.47
CA VAL A 567 -1.95 7.56 -8.95
C VAL A 567 -1.77 6.20 -9.64
N LEU A 568 -2.83 5.71 -10.30
CA LEU A 568 -2.80 4.47 -11.09
C LEU A 568 -2.47 4.68 -12.56
N GLU A 569 -2.20 5.90 -12.99
CA GLU A 569 -1.96 6.07 -14.41
C GLU A 569 -0.69 5.32 -14.76
N PRO A 570 -0.70 4.54 -15.85
CA PRO A 570 0.52 3.94 -16.25
C PRO A 570 1.39 4.96 -16.99
N ILE A 571 2.51 5.34 -16.39
CA ILE A 571 3.48 6.18 -17.07
C ILE A 571 4.70 5.37 -17.44
N HIS A 572 4.60 4.06 -17.22
CA HIS A 572 5.62 3.12 -17.67
C HIS A 572 5.00 1.76 -17.71
N ASP A 573 5.15 1.06 -18.81
CA ASP A 573 4.77 -0.34 -18.85
C ASP A 573 5.66 -1.09 -19.81
N GLY A 574 6.66 -1.75 -19.25
CA GLY A 574 7.56 -2.59 -20.01
C GLY A 574 6.82 -3.65 -20.79
N TYR A 575 5.78 -4.24 -20.19
CA TYR A 575 5.04 -5.28 -20.88
C TYR A 575 4.51 -4.85 -22.24
N ARG A 576 4.30 -3.54 -22.40
CA ARG A 576 3.98 -2.99 -23.73
C ARG A 576 5.02 -2.00 -24.26
N ASN A 577 6.27 -2.12 -23.80
CA ASN A 577 7.36 -1.19 -24.18
C ASN A 577 6.87 0.24 -24.25
N TRP A 578 6.27 0.64 -23.13
CA TRP A 578 5.70 1.95 -22.94
C TRP A 578 6.54 2.67 -21.90
N LEU A 579 6.94 3.89 -22.25
CA LEU A 579 7.60 4.81 -21.34
C LEU A 579 7.18 6.22 -21.67
N LYS A 580 6.55 6.90 -20.72
CA LYS A 580 6.01 8.23 -20.98
C LYS A 580 7.09 9.30 -21.06
N GLN A 581 8.08 9.22 -20.19
CA GLN A 581 9.20 10.12 -20.27
C GLN A 581 10.40 9.24 -20.19
N ASP A 582 11.55 9.90 -20.05
CA ASP A 582 12.77 9.26 -19.61
C ASP A 582 12.86 9.55 -18.10
N TYR A 583 12.56 8.56 -17.27
CA TYR A 583 12.67 8.75 -15.83
C TYR A 583 14.10 8.53 -15.41
N ALA A 584 14.38 8.78 -14.13
CA ALA A 584 15.72 8.59 -13.59
C ALA A 584 15.92 7.19 -13.02
N ALA A 585 14.84 6.44 -12.85
CA ALA A 585 14.93 5.01 -12.51
C ALA A 585 14.99 4.22 -13.81
N THR A 586 15.76 3.13 -13.81
CA THR A 586 15.96 2.36 -15.02
C THR A 586 14.68 1.68 -15.48
N PRO A 587 14.54 1.53 -16.79
CA PRO A 587 13.24 1.11 -17.24
C PRO A 587 12.92 -0.33 -16.83
N GLU A 588 13.94 -1.06 -16.39
CA GLU A 588 13.75 -2.41 -15.92
C GLU A 588 13.43 -2.44 -14.44
N GLU A 589 14.15 -1.64 -13.65
CA GLU A 589 13.71 -1.36 -12.26
C GLU A 589 12.26 -0.98 -12.26
N LEU A 590 11.87 -0.19 -13.25
CA LEU A 590 10.50 0.26 -13.31
C LEU A 590 9.56 -0.92 -13.50
N LEU A 591 9.87 -1.79 -14.44
CA LEU A 591 9.08 -3.01 -14.71
C LEU A 591 8.97 -3.88 -13.46
N LEU A 592 10.10 -4.09 -12.80
CA LEU A 592 10.12 -4.89 -11.60
C LEU A 592 9.09 -4.39 -10.58
N ASP A 593 8.98 -3.07 -10.44
CA ASP A 593 7.98 -2.49 -9.57
C ASP A 593 6.58 -2.89 -10.03
N ARG A 594 6.28 -2.57 -11.28
CA ARG A 594 4.97 -2.90 -11.83
C ARG A 594 4.58 -4.40 -11.61
N THR A 595 5.45 -5.26 -12.10
CA THR A 595 5.34 -6.70 -11.94
C THR A 595 5.08 -7.10 -10.52
N GLN A 596 5.73 -6.45 -9.59
CA GLN A 596 5.57 -6.90 -8.23
C GLN A 596 4.16 -6.57 -7.83
N LEU A 597 3.71 -5.37 -8.14
CA LEU A 597 2.36 -4.94 -7.72
C LEU A 597 1.21 -5.78 -8.31
N LEU A 598 1.43 -6.32 -9.51
CA LEU A 598 0.49 -7.22 -10.13
C LEU A 598 0.43 -8.55 -9.38
N GLY A 599 1.54 -8.87 -8.74
CA GLY A 599 1.66 -10.10 -7.99
C GLY A 599 2.23 -11.17 -8.87
N LEU A 600 3.03 -10.79 -9.86
CA LEU A 600 3.65 -11.78 -10.74
C LEU A 600 4.99 -12.28 -10.20
N THR A 601 5.35 -13.52 -10.59
CA THR A 601 6.65 -14.11 -10.25
C THR A 601 7.65 -13.71 -11.31
N ALA A 602 8.91 -14.05 -11.12
CA ALA A 602 9.91 -13.73 -12.11
C ALA A 602 9.70 -14.51 -13.42
N PRO A 603 9.33 -15.81 -13.33
CA PRO A 603 9.08 -16.58 -14.54
C PRO A 603 7.88 -16.10 -15.32
N GLU A 604 6.81 -15.78 -14.60
CA GLU A 604 5.62 -15.20 -15.22
C GLU A 604 5.97 -13.89 -15.92
N MET A 605 6.77 -13.07 -15.25
CA MET A 605 7.17 -11.79 -15.81
C MET A 605 7.86 -12.09 -17.10
N THR A 606 8.73 -13.09 -17.07
CA THR A 606 9.51 -13.51 -18.23
C THR A 606 8.64 -13.96 -19.42
N VAL A 607 7.65 -14.82 -19.20
CA VAL A 607 6.81 -15.25 -20.34
C VAL A 607 5.96 -14.13 -20.88
N LEU A 608 5.49 -13.25 -20.01
CA LEU A 608 4.53 -12.26 -20.43
C LEU A 608 5.16 -11.30 -21.41
N ILE A 609 6.45 -11.04 -21.23
CA ILE A 609 7.23 -10.27 -22.16
C ILE A 609 7.36 -11.02 -23.49
N GLY A 610 7.83 -12.26 -23.38
CA GLY A 610 8.05 -13.08 -24.55
C GLY A 610 6.83 -13.15 -25.44
N GLY A 611 5.65 -13.27 -24.86
CA GLY A 611 4.42 -13.38 -25.64
C GLY A 611 3.89 -12.07 -26.17
N LEU A 612 3.68 -11.12 -25.28
CA LEU A 612 3.19 -9.82 -25.68
C LEU A 612 4.10 -9.16 -26.72
N ARG A 613 5.35 -9.57 -26.85
CA ARG A 613 6.21 -8.96 -27.86
C ARG A 613 5.82 -9.41 -29.23
N VAL A 614 5.73 -10.74 -29.37
CA VAL A 614 5.49 -11.40 -30.64
C VAL A 614 4.06 -11.25 -31.08
N LEU A 615 3.15 -10.92 -30.17
CA LEU A 615 1.78 -10.53 -30.54
C LEU A 615 1.69 -9.06 -30.93
N GLY A 616 2.84 -8.36 -31.01
CA GLY A 616 2.92 -6.95 -31.44
C GLY A 616 2.02 -5.98 -30.69
N THR A 617 2.02 -6.09 -29.35
CA THR A 617 1.23 -5.25 -28.45
C THR A 617 2.01 -3.99 -28.08
N ASN A 618 3.29 -3.96 -28.43
CA ASN A 618 4.12 -2.77 -28.29
C ASN A 618 3.41 -1.43 -28.52
N HIS A 619 3.40 -0.60 -27.49
CA HIS A 619 2.74 0.70 -27.52
C HIS A 619 3.37 1.62 -28.57
N GLY A 620 2.53 2.14 -29.45
CA GLY A 620 2.96 3.06 -30.50
C GLY A 620 3.11 2.39 -31.85
N GLY A 621 2.71 1.11 -31.93
CA GLY A 621 3.03 0.28 -33.08
C GLY A 621 4.54 0.13 -33.29
N THR A 622 5.33 0.40 -32.24
CA THR A 622 6.78 0.24 -32.28
C THR A 622 7.10 -1.24 -32.42
N LYS A 623 8.22 -1.58 -33.05
CA LYS A 623 8.60 -2.99 -33.19
C LYS A 623 9.89 -3.36 -32.46
N HIS A 624 10.12 -2.76 -31.29
CA HIS A 624 11.27 -3.11 -30.45
C HIS A 624 10.98 -4.39 -29.71
N GLY A 625 11.92 -5.33 -29.77
CA GLY A 625 11.73 -6.65 -29.16
C GLY A 625 10.73 -7.55 -29.87
N VAL A 626 10.42 -7.27 -31.14
CA VAL A 626 9.56 -8.15 -31.91
C VAL A 626 10.43 -8.99 -32.83
N PHE A 627 11.12 -9.93 -32.19
CA PHE A 627 11.99 -10.86 -32.87
C PHE A 627 11.20 -12.02 -33.50
N THR A 628 10.58 -11.74 -34.67
CA THR A 628 9.76 -12.70 -35.46
C THR A 628 9.63 -12.30 -36.92
N ASP A 629 9.31 -13.30 -37.74
CA ASP A 629 8.64 -13.11 -39.03
C ASP A 629 7.16 -13.30 -38.82
N ARG A 630 6.82 -14.12 -37.82
CA ARG A 630 5.45 -14.54 -37.47
C ARG A 630 4.81 -13.69 -36.37
N GLU A 631 4.89 -12.38 -36.57
CA GLU A 631 4.22 -11.41 -35.74
C GLU A 631 2.73 -11.80 -35.64
N GLY A 632 2.14 -11.76 -34.45
CA GLY A 632 0.74 -12.17 -34.23
C GLY A 632 0.58 -13.66 -33.96
N VAL A 633 1.70 -14.31 -33.65
CA VAL A 633 1.70 -15.74 -33.41
C VAL A 633 2.56 -16.16 -32.21
N LEU A 634 1.85 -16.77 -31.26
CA LEU A 634 2.33 -17.14 -29.96
C LEU A 634 3.40 -18.22 -30.00
N THR A 635 4.64 -17.76 -30.05
CA THR A 635 5.80 -18.61 -30.08
C THR A 635 6.93 -18.07 -29.20
N ASN A 636 7.85 -18.99 -28.95
CA ASN A 636 8.99 -18.67 -28.14
C ASN A 636 10.02 -17.92 -28.99
N ASP A 637 9.59 -17.42 -30.14
CA ASP A 637 10.52 -16.73 -31.04
C ASP A 637 11.41 -15.68 -30.35
N PHE A 638 10.82 -14.92 -29.41
CA PHE A 638 11.57 -13.87 -28.68
C PHE A 638 12.78 -14.48 -27.95
N PHE A 639 12.49 -15.47 -27.12
CA PHE A 639 13.48 -16.20 -26.34
C PHE A 639 14.53 -16.86 -27.21
N VAL A 640 14.13 -17.18 -28.43
CA VAL A 640 14.99 -17.92 -29.31
C VAL A 640 16.01 -16.99 -29.90
N ASN A 641 15.60 -15.83 -30.37
CA ASN A 641 16.58 -14.92 -30.96
C ASN A 641 17.33 -14.11 -29.91
N LEU A 642 16.68 -13.86 -28.78
CA LEU A 642 17.35 -13.19 -27.67
C LEU A 642 18.63 -13.91 -27.31
N THR A 643 18.51 -15.21 -27.10
CA THR A 643 19.61 -16.06 -26.66
C THR A 643 20.64 -16.42 -27.74
N ASP A 644 20.37 -16.03 -29.00
CA ASP A 644 21.15 -16.44 -30.19
C ASP A 644 22.39 -15.55 -30.43
N MET A 645 23.58 -16.14 -30.37
CA MET A 645 24.82 -15.38 -30.52
C MET A 645 25.29 -15.21 -31.98
N ASN A 646 24.40 -15.44 -32.93
CA ASN A 646 24.64 -14.95 -34.27
C ASN A 646 24.52 -13.44 -34.28
N TYR A 647 23.93 -12.90 -33.20
CA TYR A 647 23.73 -11.46 -33.04
C TYR A 647 24.63 -10.87 -31.97
N LEU A 648 24.81 -9.55 -32.10
CA LEU A 648 25.50 -8.75 -31.10
C LEU A 648 24.63 -7.54 -30.87
N TRP A 649 24.70 -6.98 -29.67
CA TRP A 649 23.79 -5.89 -29.31
C TRP A 649 24.56 -4.58 -29.23
N LYS A 650 24.02 -3.56 -29.87
CA LYS A 650 24.63 -2.24 -29.93
C LYS A 650 23.68 -1.19 -29.38
N PRO A 651 24.18 -0.36 -28.46
CA PRO A 651 23.39 0.78 -28.03
C PRO A 651 23.12 1.70 -29.19
N ALA A 652 21.86 2.08 -29.32
CA ALA A 652 21.39 3.12 -30.20
C ALA A 652 20.94 4.29 -29.33
N GLY A 653 21.62 4.47 -28.18
CA GLY A 653 21.32 5.55 -27.23
C GLY A 653 20.03 5.26 -26.50
N LYS A 654 19.84 5.98 -25.39
CA LYS A 654 18.55 6.02 -24.71
C LYS A 654 17.37 5.09 -24.51
N ASN A 655 17.64 3.95 -23.90
CA ASN A 655 16.68 2.85 -23.85
C ASN A 655 16.51 2.16 -25.22
N LEU A 656 17.50 2.25 -26.08
CA LEU A 656 17.39 1.56 -27.34
C LEU A 656 18.66 0.90 -27.73
N TYR A 657 18.52 -0.25 -28.37
CA TYR A 657 19.64 -1.04 -28.89
C TYR A 657 19.28 -1.55 -30.29
N GLU A 658 20.32 -1.85 -31.08
CA GLU A 658 20.20 -2.50 -32.39
C GLU A 658 20.78 -3.92 -32.33
N ILE A 659 20.00 -4.90 -32.78
CA ILE A 659 20.41 -6.29 -32.82
C ILE A 659 21.05 -6.55 -34.18
N CYS A 660 22.33 -6.85 -34.19
CA CYS A 660 23.03 -6.92 -35.47
C CYS A 660 23.67 -8.26 -35.72
N ASP A 661 23.55 -8.72 -36.97
CA ASP A 661 24.26 -9.90 -37.46
C ASP A 661 25.78 -9.67 -37.39
N ARG A 662 26.50 -10.60 -36.75
CA ARG A 662 27.92 -10.45 -36.54
C ARG A 662 28.71 -10.50 -37.82
N LYS A 663 28.32 -11.42 -38.70
CA LYS A 663 29.05 -11.62 -39.94
C LYS A 663 28.70 -10.48 -40.87
N THR A 664 27.40 -10.30 -41.11
CA THR A 664 26.95 -9.35 -42.14
C THR A 664 26.98 -7.89 -41.72
N ASN A 665 26.99 -7.63 -40.40
CA ASN A 665 26.86 -6.28 -39.78
C ASN A 665 25.53 -5.55 -39.97
N GLN A 666 24.59 -6.10 -40.77
CA GLN A 666 23.24 -5.54 -40.89
C GLN A 666 22.45 -5.59 -39.58
N VAL A 667 21.48 -4.71 -39.42
CA VAL A 667 20.68 -4.66 -38.21
C VAL A 667 19.41 -5.49 -38.38
N LYS A 668 19.28 -6.56 -37.61
CA LYS A 668 18.12 -7.44 -37.77
C LYS A 668 16.86 -6.88 -37.11
N TRP A 669 16.95 -6.55 -35.83
CA TRP A 669 15.85 -5.85 -35.12
C TRP A 669 16.38 -4.72 -34.21
N THR A 670 15.44 -4.03 -33.56
CA THR A 670 15.72 -3.10 -32.42
C THR A 670 15.08 -3.59 -31.12
N ALA A 671 15.55 -3.03 -30.00
CA ALA A 671 15.02 -3.41 -28.70
C ALA A 671 15.35 -2.40 -27.61
N THR A 672 14.59 -2.50 -26.52
CA THR A 672 14.75 -1.63 -25.36
C THR A 672 15.41 -2.39 -24.21
N ARG A 673 15.92 -1.67 -23.22
CA ARG A 673 16.42 -2.31 -21.99
C ARG A 673 15.46 -3.32 -21.38
N VAL A 674 14.17 -3.01 -21.39
CA VAL A 674 13.18 -3.96 -20.90
C VAL A 674 13.30 -5.31 -21.60
N ASP A 675 13.39 -5.28 -22.92
CA ASP A 675 13.60 -6.50 -23.71
C ASP A 675 14.93 -7.17 -23.37
N LEU A 676 16.04 -6.43 -23.40
CA LEU A 676 17.34 -7.06 -23.27
C LEU A 676 17.74 -7.42 -21.85
N VAL A 677 17.00 -6.93 -20.86
CA VAL A 677 17.34 -7.29 -19.50
C VAL A 677 17.20 -8.80 -19.31
N PHE A 678 16.30 -9.45 -20.06
CA PHE A 678 16.08 -10.90 -19.96
C PHE A 678 17.19 -11.75 -20.58
N GLY A 679 18.06 -11.10 -21.37
CA GLY A 679 19.20 -11.77 -21.98
C GLY A 679 20.54 -11.44 -21.34
N SER A 680 20.50 -10.58 -20.32
CA SER A 680 21.71 -10.11 -19.61
C SER A 680 21.77 -10.51 -18.14
N ASN A 681 20.68 -10.28 -17.42
CA ASN A 681 20.57 -10.68 -16.03
C ASN A 681 20.71 -12.18 -15.94
N SER A 682 21.53 -12.67 -15.02
CA SER A 682 21.79 -14.10 -14.92
C SER A 682 20.56 -14.94 -14.53
N ILE A 683 19.74 -14.45 -13.61
CA ILE A 683 18.54 -15.14 -13.23
C ILE A 683 17.50 -15.05 -14.35
N LEU A 684 17.40 -13.92 -15.02
CA LEU A 684 16.37 -13.83 -16.06
C LEU A 684 16.80 -14.58 -17.29
N ARG A 685 18.10 -14.57 -17.61
CA ARG A 685 18.53 -15.31 -18.77
C ARG A 685 18.42 -16.81 -18.51
N ALA A 686 18.39 -17.21 -17.24
CA ALA A 686 18.13 -18.62 -16.94
C ALA A 686 16.73 -18.99 -17.40
N TYR A 687 15.80 -18.08 -17.20
CA TYR A 687 14.45 -18.36 -17.59
C TYR A 687 14.27 -18.24 -19.09
N SER A 688 14.92 -17.25 -19.72
CA SER A 688 14.84 -17.06 -21.18
C SER A 688 15.45 -18.21 -21.95
N GLU A 689 16.58 -18.71 -21.49
CA GLU A 689 17.17 -19.94 -22.01
C GLU A 689 16.24 -21.13 -21.89
N LEU A 690 15.58 -21.27 -20.74
CA LEU A 690 14.62 -22.37 -20.55
C LEU A 690 13.57 -22.41 -21.66
N TYR A 691 12.94 -21.27 -21.90
CA TYR A 691 11.85 -21.18 -22.82
C TYR A 691 12.33 -21.18 -24.25
N ALA A 692 13.65 -21.05 -24.48
CA ALA A 692 14.22 -21.08 -25.84
C ALA A 692 14.61 -22.50 -26.25
N GLN A 693 14.63 -23.40 -25.27
CA GLN A 693 14.93 -24.78 -25.53
C GLN A 693 13.98 -25.29 -26.61
N ASP A 694 14.49 -26.22 -27.43
CA ASP A 694 13.72 -26.88 -28.48
C ASP A 694 12.52 -27.57 -27.87
N ASP A 695 12.69 -28.13 -26.69
CA ASP A 695 11.65 -29.00 -26.14
C ASP A 695 10.51 -28.30 -25.38
N ASN A 696 10.48 -26.96 -25.43
CA ASN A 696 9.61 -26.18 -24.52
C ASN A 696 8.61 -25.19 -25.13
N LYS A 697 8.19 -25.44 -26.36
CA LYS A 697 7.21 -24.58 -27.03
C LYS A 697 5.82 -24.71 -26.42
N GLU A 698 5.45 -25.93 -26.06
CA GLU A 698 4.19 -26.17 -25.34
C GLU A 698 4.25 -25.54 -23.94
N LYS A 699 5.38 -25.74 -23.27
CA LYS A 699 5.60 -25.14 -21.96
C LYS A 699 5.44 -23.63 -22.04
N PHE A 700 6.18 -23.00 -22.95
CA PHE A 700 6.04 -21.57 -23.17
C PHE A 700 4.57 -21.15 -23.24
N VAL A 701 3.81 -21.90 -24.04
CA VAL A 701 2.45 -21.53 -24.35
C VAL A 701 1.51 -21.86 -23.20
N ARG A 702 1.60 -23.05 -22.62
CA ARG A 702 0.83 -23.29 -21.41
C ARG A 702 1.18 -22.15 -20.44
N ASP A 703 2.47 -21.89 -20.29
CA ASP A 703 2.94 -20.98 -19.26
C ASP A 703 2.49 -19.54 -19.47
N PHE A 704 2.70 -19.02 -20.66
CA PHE A 704 2.22 -17.67 -20.98
C PHE A 704 0.76 -17.47 -20.60
N VAL A 705 -0.03 -18.50 -20.82
CA VAL A 705 -1.47 -18.45 -20.69
C VAL A 705 -1.92 -18.45 -19.25
N ALA A 706 -1.33 -19.32 -18.44
CA ALA A 706 -1.54 -19.29 -17.00
C ALA A 706 -1.31 -17.88 -16.46
N ALA A 707 -0.24 -17.23 -16.93
CA ALA A 707 0.18 -15.91 -16.45
C ALA A 707 -0.79 -14.85 -16.90
N TRP A 708 -1.13 -14.91 -18.18
CA TRP A 708 -2.16 -14.06 -18.75
C TRP A 708 -3.43 -14.11 -17.88
N THR A 709 -3.96 -15.31 -17.69
CA THR A 709 -5.11 -15.58 -16.86
C THR A 709 -5.03 -15.00 -15.46
N LYS A 710 -3.85 -15.17 -14.85
CA LYS A 710 -3.59 -14.67 -13.48
C LYS A 710 -3.79 -13.16 -13.39
N VAL A 711 -3.28 -12.46 -14.40
CA VAL A 711 -3.36 -11.02 -14.44
C VAL A 711 -4.80 -10.57 -14.60
N MET A 712 -5.60 -11.34 -15.32
CA MET A 712 -6.94 -10.93 -15.70
C MET A 712 -7.91 -11.17 -14.55
N ASN A 713 -7.69 -12.25 -13.81
CA ASN A 713 -8.44 -12.48 -12.56
C ASN A 713 -7.77 -11.91 -11.30
N ALA A 714 -7.00 -10.85 -11.46
CA ALA A 714 -6.30 -10.25 -10.35
C ALA A 714 -7.21 -9.60 -9.30
N ASP A 715 -8.30 -8.99 -9.75
CA ASP A 715 -9.14 -8.20 -8.87
C ASP A 715 -10.48 -8.85 -8.60
N ARG A 716 -10.52 -10.18 -8.67
CA ARG A 716 -11.77 -10.93 -8.53
C ARG A 716 -11.93 -11.49 -7.12
N PHE A 717 -12.72 -10.84 -6.27
CA PHE A 717 -12.76 -11.27 -4.87
C PHE A 717 -14.03 -12.05 -4.48
N ASP A 718 -14.47 -12.89 -5.44
CA ASP A 718 -15.82 -13.48 -5.50
C ASP A 718 -15.67 -14.99 -5.68
FE HEB B . -0.72 11.35 17.87
CHA HEB B . 0.20 10.40 20.91
CHB HEB B . 2.26 13.10 17.63
CHC HEB B . -1.61 12.41 14.82
CHD HEB B . -3.59 9.59 18.16
NA HEB B . 0.89 11.68 19.01
C1A HEB B . 1.10 11.14 20.25
C2A HEB B . 2.33 11.48 20.79
C3A HEB B . 2.91 12.27 19.88
C4A HEB B . 2.03 12.38 18.78
CMA HEB B . 4.28 12.90 19.98
CAA HEB B . 2.84 11.04 22.13
CBA HEB B . 3.47 9.62 22.13
CGA HEB B . 3.67 9.07 23.56
O1A HEB B . 4.34 9.71 24.38
O2A HEB B . 3.17 8.00 24.02
NB HEB B . 0.15 12.55 16.44
C1B HEB B . 1.34 13.15 16.58
C2B HEB B . 1.60 13.91 15.43
C3B HEB B . 0.54 13.74 14.59
C4B HEB B . -0.40 12.86 15.31
CMB HEB B . 2.84 14.74 15.16
CAB HEB B . 0.44 14.47 13.32
CBB HEB B . -0.73 14.78 12.80
NC HEB B . -2.37 11.07 16.70
C1C HEB B . -2.49 11.51 15.44
C2C HEB B . -3.62 10.87 14.87
C3C HEB B . -4.18 10.06 15.83
C4C HEB B . -3.38 10.22 16.98
CMC HEB B . -4.09 11.08 13.46
CAC HEB B . -5.39 9.24 15.78
CBC HEB B . -6.28 9.30 14.81
ND HEB B . -1.53 10.27 19.18
C1D HEB B . -2.69 9.64 19.18
C2D HEB B . -2.92 8.94 20.43
C3D HEB B . -1.86 9.17 21.19
C4D HEB B . -1.02 10.01 20.38
CMD HEB B . -4.12 8.10 20.80
CAD HEB B . -1.43 8.79 22.60
CBD HEB B . -1.99 7.53 23.22
CGD HEB B . -1.22 7.29 24.49
O1D HEB B . -0.04 6.78 24.42
O2D HEB B . -1.79 7.64 25.57
NA NA C . -0.20 -1.71 1.37
NA NA D . -10.49 13.80 26.32
C NIZ E . 2.05 4.45 27.90
C1 NIZ E . 0.53 4.29 27.83
N1 NIZ E . -2.25 4.07 27.68
O1 NIZ E . 2.72 3.92 28.78
C2 NIZ E . -0.25 5.08 26.97
N2 NIZ E . 2.70 5.18 26.98
C3 NIZ E . -1.64 4.96 26.92
N3 NIZ E . 4.07 5.35 27.08
C4 NIZ E . -1.54 3.29 28.51
C5 NIZ E . -0.15 3.38 28.62
#